data_1OGK
#
_entry.id   1OGK
#
_cell.length_a   106.386
_cell.length_b   50.307
_cell.length_c   111.387
_cell.angle_alpha   90.00
_cell.angle_beta   101.35
_cell.angle_gamma   90.00
#
_symmetry.space_group_name_H-M   'P 1 21 1'
#
loop_
_entity.id
_entity.type
_entity.pdbx_description
1 polymer 'DEOXYURIDINE TRIPHOSPHATASE'
2 non-polymer "DEOXYURIDINE-5'-DIPHOSPHATE"
#
_entity_poly.entity_id   1
_entity_poly.type   'polypeptide(L)'
_entity_poly.pdbx_seq_one_letter_code
;MNRVQSGFRVPARVLNSLAHLQDGLNIFMDPDWRQIRHVDDWALAITMESAELIDSYPWKWWKNVKAQTDMHNVRIEIAD
ILHFSLSGEIQKRTQDEKGADDVALKSLKEMGFFCRPPAHAKSTAASGQRTNGGDGDGDDELLELMFFPLTEVASAVATF
RNIIQLASIYRFDLITKGLLLAAQDLDFNLVGYYVAKYTLNQIRQLKGYKEGVYVKVREGVEDNELLHECVQSVSVEDVL
NEGTYLKAWEKIACSVFDAFGMPEEERRHAYDWLKSAALDGKG
;
_entity_poly.pdbx_strand_id   A,B,D,E
#
loop_
_chem_comp.id
_chem_comp.type
_chem_comp.name
_chem_comp.formula
DUD non-polymer DEOXYURIDINE-5'-DIPHOSPHATE 'C9 H14 N2 O11 P2'
#
# COMPACT_ATOMS: atom_id res chain seq x y z
N VAL A 10 -39.72 22.69 -19.81
CA VAL A 10 -40.33 21.28 -19.67
C VAL A 10 -41.79 21.27 -19.17
N PRO A 11 -42.72 21.07 -20.08
CA PRO A 11 -44.12 21.21 -19.78
C PRO A 11 -44.60 20.27 -18.70
N ALA A 12 -45.45 20.80 -17.83
CA ALA A 12 -46.06 20.01 -16.76
C ALA A 12 -46.66 18.74 -17.31
N ARG A 13 -47.46 18.88 -18.36
CA ARG A 13 -48.07 17.72 -19.01
C ARG A 13 -47.02 16.63 -19.11
N VAL A 14 -45.86 16.96 -19.65
CA VAL A 14 -44.76 15.97 -19.78
C VAL A 14 -44.32 15.32 -18.42
N LEU A 15 -44.13 16.19 -17.44
CA LEU A 15 -43.77 15.81 -16.10
C LEU A 15 -44.76 14.77 -15.55
N ASN A 16 -46.05 15.03 -15.76
CA ASN A 16 -47.11 14.14 -15.34
C ASN A 16 -46.95 12.81 -16.04
N SER A 17 -46.91 12.83 -17.37
CA SER A 17 -46.67 11.62 -18.17
C SER A 17 -45.49 10.75 -17.61
N LEU A 18 -44.35 11.39 -17.35
CA LEU A 18 -43.18 10.70 -16.81
C LEU A 18 -43.55 9.88 -15.55
N ALA A 19 -44.17 10.57 -14.61
CA ALA A 19 -44.58 9.92 -13.40
C ALA A 19 -45.46 8.70 -13.70
N HIS A 20 -46.40 8.78 -14.65
CA HIS A 20 -47.26 7.63 -15.01
C HIS A 20 -46.43 6.40 -15.27
N LEU A 21 -45.40 6.57 -16.12
CA LEU A 21 -44.54 5.47 -16.50
C LEU A 21 -43.88 4.90 -15.26
N GLN A 22 -43.25 5.75 -14.45
CA GLN A 22 -42.69 5.30 -13.14
C GLN A 22 -43.66 4.47 -12.33
N ASP A 23 -44.90 4.93 -12.24
CA ASP A 23 -45.96 4.19 -11.55
C ASP A 23 -46.13 2.79 -12.16
N GLY A 24 -46.13 2.70 -13.51
CA GLY A 24 -46.05 1.43 -14.20
C GLY A 24 -44.85 0.65 -13.70
N LEU A 25 -43.66 1.26 -13.72
CA LEU A 25 -42.50 0.50 -13.36
C LEU A 25 -42.68 -0.03 -11.93
N ASN A 26 -43.24 0.80 -11.06
CA ASN A 26 -43.29 0.51 -9.63
C ASN A 26 -44.28 -0.61 -9.38
N ILE A 27 -45.35 -0.56 -10.13
CA ILE A 27 -46.44 -1.53 -10.05
C ILE A 27 -45.99 -2.96 -10.30
N PHE A 28 -45.06 -3.17 -11.23
CA PHE A 28 -44.59 -4.49 -11.59
C PHE A 28 -43.82 -5.05 -10.44
N MET A 29 -43.05 -4.21 -9.76
CA MET A 29 -42.21 -4.74 -8.69
C MET A 29 -42.99 -5.06 -7.43
N ASP A 30 -43.97 -4.22 -7.11
CA ASP A 30 -44.95 -4.42 -6.05
C ASP A 30 -46.17 -3.57 -6.40
N PRO A 31 -47.27 -4.18 -6.81
CA PRO A 31 -48.48 -3.44 -7.16
C PRO A 31 -49.13 -2.62 -6.06
N ASP A 32 -48.85 -2.91 -4.77
CA ASP A 32 -49.33 -2.03 -3.67
C ASP A 32 -48.26 -1.07 -3.19
N TRP A 33 -47.36 -0.64 -4.06
CA TRP A 33 -46.29 0.28 -3.65
C TRP A 33 -46.81 1.52 -2.94
N ARG A 34 -47.77 2.18 -3.55
CA ARG A 34 -48.31 3.40 -2.96
C ARG A 34 -48.98 3.26 -1.59
N GLN A 35 -49.29 2.05 -1.14
CA GLN A 35 -49.86 1.87 0.21
C GLN A 35 -48.75 1.46 1.12
N ILE A 36 -48.09 0.37 0.80
CA ILE A 36 -46.91 -0.06 1.55
C ILE A 36 -45.81 0.98 1.67
N ARG A 37 -45.49 1.66 0.58
CA ARG A 37 -44.32 2.53 0.50
C ARG A 37 -44.54 3.88 1.17
N HIS A 38 -43.46 4.51 1.59
CA HIS A 38 -43.55 5.76 2.36
C HIS A 38 -42.64 6.88 1.84
N VAL A 39 -43.13 8.12 1.97
CA VAL A 39 -42.52 9.32 1.40
C VAL A 39 -41.10 9.50 1.87
N ASP A 40 -40.86 8.95 3.04
CA ASP A 40 -39.56 8.92 3.71
C ASP A 40 -38.52 7.90 3.15
N ASP A 41 -38.94 7.02 2.24
CA ASP A 41 -38.09 5.99 1.68
C ASP A 41 -37.50 6.60 0.47
N TRP A 42 -38.36 7.23 -0.28
CA TRP A 42 -37.92 7.97 -1.42
C TRP A 42 -36.87 8.96 -1.04
N ALA A 43 -37.11 9.69 0.04
CA ALA A 43 -36.18 10.73 0.45
C ALA A 43 -34.87 10.08 0.80
N LEU A 44 -34.96 8.88 1.39
CA LEU A 44 -33.76 8.15 1.70
C LEU A 44 -33.01 7.76 0.41
N ALA A 45 -33.68 7.08 -0.52
CA ALA A 45 -33.08 6.66 -1.76
C ALA A 45 -32.50 7.83 -2.57
N ILE A 46 -33.18 8.98 -2.58
CA ILE A 46 -32.65 10.18 -3.23
C ILE A 46 -31.33 10.65 -2.55
N THR A 47 -31.29 10.55 -1.23
CA THR A 47 -30.08 10.85 -0.48
C THR A 47 -28.92 9.86 -0.79
N MET A 48 -29.17 8.57 -0.90
CA MET A 48 -28.09 7.64 -1.15
C MET A 48 -27.54 7.81 -2.56
N GLU A 49 -28.41 7.86 -3.57
CA GLU A 49 -27.94 7.93 -4.96
C GLU A 49 -27.36 9.31 -5.19
N SER A 50 -27.82 10.31 -4.47
CA SER A 50 -27.13 11.57 -4.58
C SER A 50 -25.66 11.37 -4.15
N ALA A 51 -25.43 10.98 -2.92
CA ALA A 51 -24.10 10.49 -2.50
C ALA A 51 -23.36 9.64 -3.55
N GLU A 52 -24.09 8.77 -4.22
CA GLU A 52 -23.48 7.88 -5.17
C GLU A 52 -22.93 8.75 -6.27
N LEU A 53 -23.74 9.66 -6.79
CA LEU A 53 -23.33 10.60 -7.81
C LEU A 53 -22.11 11.41 -7.39
N ILE A 54 -22.15 11.96 -6.21
CA ILE A 54 -21.07 12.81 -5.75
C ILE A 54 -19.75 12.06 -5.72
N ASP A 55 -19.81 10.75 -5.42
CA ASP A 55 -18.61 9.94 -5.22
C ASP A 55 -17.93 9.64 -6.56
N SER A 56 -18.60 9.87 -7.66
CA SER A 56 -17.99 9.79 -8.96
C SER A 56 -16.98 10.91 -9.27
N TYR A 57 -17.11 12.02 -8.55
CA TYR A 57 -16.21 13.15 -8.65
C TYR A 57 -15.10 13.06 -7.59
N PRO A 58 -13.96 13.74 -7.87
CA PRO A 58 -12.81 13.80 -6.96
C PRO A 58 -12.93 14.97 -5.97
N TRP A 59 -13.71 14.72 -4.92
CA TRP A 59 -14.05 15.72 -3.92
C TRP A 59 -13.22 15.57 -2.69
N LYS A 60 -12.57 14.41 -2.55
CA LYS A 60 -11.81 14.12 -1.37
C LYS A 60 -10.46 14.77 -1.53
N TRP A 61 -10.24 15.81 -0.74
CA TRP A 61 -8.98 16.50 -0.68
C TRP A 61 -7.78 15.63 -0.35
N TRP A 62 -8.00 14.46 0.17
CA TRP A 62 -6.90 13.70 0.70
C TRP A 62 -6.76 12.27 0.12
N LYS A 63 -7.35 12.02 -1.06
CA LYS A 63 -7.43 10.67 -1.59
C LYS A 63 -7.41 10.71 -3.07
N ASN A 64 -6.49 10.02 -3.70
CA ASN A 64 -6.45 10.03 -5.14
C ASN A 64 -6.89 11.38 -5.74
N VAL A 65 -6.24 12.46 -5.30
CA VAL A 65 -6.67 13.79 -5.67
C VAL A 65 -6.66 14.05 -7.12
N LYS A 66 -5.95 13.20 -7.87
CA LYS A 66 -5.69 13.41 -9.28
C LYS A 66 -6.76 12.76 -10.17
N ALA A 67 -7.53 11.89 -9.57
CA ALA A 67 -8.58 11.16 -10.26
C ALA A 67 -9.43 11.99 -11.25
N GLN A 68 -9.63 11.42 -12.45
CA GLN A 68 -10.49 11.98 -13.48
C GLN A 68 -11.94 11.65 -13.16
N THR A 69 -12.86 12.55 -13.53
CA THR A 69 -14.29 12.32 -13.21
C THR A 69 -14.98 11.40 -14.20
N ASP A 70 -15.91 10.60 -13.68
CA ASP A 70 -16.70 9.65 -14.48
C ASP A 70 -18.07 10.23 -14.91
N MET A 71 -18.02 11.13 -15.88
CA MET A 71 -19.20 11.87 -16.32
C MET A 71 -20.19 10.91 -16.92
N HIS A 72 -19.77 9.71 -17.32
CA HIS A 72 -20.71 8.73 -17.84
C HIS A 72 -21.60 8.33 -16.72
N ASN A 73 -21.00 7.81 -15.63
CA ASN A 73 -21.72 7.33 -14.44
C ASN A 73 -22.54 8.42 -13.84
N VAL A 74 -22.11 9.65 -14.04
CA VAL A 74 -22.83 10.78 -13.51
C VAL A 74 -24.18 10.83 -14.17
N ARG A 75 -24.18 10.86 -15.49
CA ARG A 75 -25.40 10.75 -16.29
C ARG A 75 -26.28 9.56 -15.86
N ILE A 76 -25.75 8.34 -15.70
CA ILE A 76 -26.64 7.23 -15.39
C ILE A 76 -27.19 7.31 -13.94
N GLU A 77 -26.51 8.09 -13.11
CA GLU A 77 -26.95 8.34 -11.72
C GLU A 77 -28.06 9.41 -11.69
N ILE A 78 -28.01 10.37 -12.59
CA ILE A 78 -29.03 11.38 -12.62
C ILE A 78 -30.35 10.69 -12.89
N ALA A 79 -30.34 9.67 -13.73
CA ALA A 79 -31.55 8.93 -14.12
C ALA A 79 -31.97 7.99 -13.00
N ASP A 80 -31.01 7.38 -12.34
CA ASP A 80 -31.33 6.51 -11.25
C ASP A 80 -32.07 7.39 -10.23
N ILE A 81 -31.58 8.57 -9.98
CA ILE A 81 -32.25 9.44 -9.04
C ILE A 81 -33.61 9.77 -9.59
N LEU A 82 -33.74 10.01 -10.88
CA LEU A 82 -35.06 10.45 -11.41
C LEU A 82 -36.19 9.46 -11.08
N HIS A 83 -35.83 8.20 -10.88
CA HIS A 83 -36.80 7.17 -10.65
C HIS A 83 -37.35 7.36 -9.27
N PHE A 84 -36.47 7.58 -8.32
CA PHE A 84 -36.93 7.73 -6.96
C PHE A 84 -37.71 9.01 -6.75
N SER A 85 -37.29 10.08 -7.41
CA SER A 85 -37.92 11.40 -7.38
C SER A 85 -39.39 11.41 -7.81
N LEU A 86 -39.65 10.76 -8.93
CA LEU A 86 -40.98 10.72 -9.49
C LEU A 86 -41.87 9.85 -8.57
N SER A 87 -41.23 8.88 -7.92
CA SER A 87 -41.88 7.92 -7.10
C SER A 87 -42.33 8.62 -5.89
N GLY A 88 -41.53 9.55 -5.39
CA GLY A 88 -41.91 10.39 -4.26
C GLY A 88 -42.93 11.46 -4.62
N GLU A 89 -42.77 12.08 -5.79
CA GLU A 89 -43.69 13.08 -6.35
C GLU A 89 -45.11 12.48 -6.27
N ILE A 90 -45.30 11.33 -6.91
CA ILE A 90 -46.58 10.61 -6.90
C ILE A 90 -47.01 10.42 -5.47
N GLN A 91 -46.18 9.72 -4.73
CA GLN A 91 -46.49 9.32 -3.37
C GLN A 91 -46.96 10.47 -2.51
N LYS A 92 -46.39 11.66 -2.69
CA LYS A 92 -46.82 12.86 -1.96
C LYS A 92 -48.24 13.40 -2.37
N ARG A 93 -49.19 12.52 -2.71
CA ARG A 93 -50.55 12.93 -3.07
C ARG A 93 -51.67 12.21 -2.28
N ASP A 101 -46.55 24.89 5.56
CA ASP A 101 -45.95 23.74 4.85
C ASP A 101 -45.10 24.00 3.55
N ASP A 102 -45.56 24.93 2.70
CA ASP A 102 -44.89 25.27 1.42
C ASP A 102 -43.83 26.34 1.70
N VAL A 103 -44.29 27.36 2.42
CA VAL A 103 -43.42 28.45 2.90
C VAL A 103 -42.26 27.95 3.80
N ALA A 104 -42.12 26.63 3.90
CA ALA A 104 -40.97 25.95 4.53
C ALA A 104 -39.70 25.91 3.68
N LEU A 105 -39.80 26.14 2.38
CA LEU A 105 -38.62 26.16 1.52
C LEU A 105 -37.90 27.48 1.70
N LYS A 106 -38.61 28.56 1.41
CA LYS A 106 -38.02 29.90 1.52
C LYS A 106 -37.46 30.14 2.93
N SER A 107 -38.01 29.42 3.94
CA SER A 107 -37.62 29.53 5.36
C SER A 107 -36.26 28.99 5.60
N LEU A 108 -36.00 27.86 4.96
CA LEU A 108 -34.69 27.23 4.99
C LEU A 108 -33.71 28.08 4.23
N LYS A 109 -34.20 28.78 3.22
CA LYS A 109 -33.32 29.62 2.40
C LYS A 109 -32.77 30.75 3.26
N GLU A 110 -33.67 31.49 3.99
CA GLU A 110 -33.21 32.60 4.83
C GLU A 110 -32.38 32.11 6.03
N MET A 111 -32.60 30.86 6.45
CA MET A 111 -31.81 30.28 7.51
C MET A 111 -30.36 30.05 7.03
N GLY A 112 -30.24 30.19 5.69
CA GLY A 112 -29.01 30.05 4.89
C GLY A 112 -28.45 28.62 4.90
N PHE A 113 -29.37 27.67 5.00
CA PHE A 113 -28.97 26.27 5.22
C PHE A 113 -28.49 25.57 3.93
N PHE A 114 -29.32 25.60 2.89
CA PHE A 114 -28.92 25.28 1.50
C PHE A 114 -27.58 25.93 1.20
N CYS A 115 -26.82 25.34 0.28
CA CYS A 115 -25.47 25.78 0.12
C CYS A 115 -25.06 26.08 -1.30
N ARG A 116 -23.83 26.60 -1.39
CA ARG A 116 -23.31 27.21 -2.59
C ARG A 116 -21.83 26.96 -2.75
N PRO A 117 -21.32 26.94 -3.97
CA PRO A 117 -19.88 26.76 -4.19
C PRO A 117 -19.04 27.91 -3.64
N PRO A 118 -17.98 27.64 -2.89
CA PRO A 118 -17.26 28.70 -2.17
C PRO A 118 -16.88 29.89 -3.09
N ALA A 119 -16.66 29.60 -4.38
CA ALA A 119 -16.46 30.63 -5.45
C ALA A 119 -17.77 31.22 -5.98
N ASP A 139 -39.87 26.19 -9.72
CA ASP A 139 -38.93 26.31 -10.86
C ASP A 139 -38.03 27.59 -10.73
N ASP A 140 -38.70 28.75 -10.61
CA ASP A 140 -38.10 30.05 -10.28
C ASP A 140 -37.17 29.88 -9.04
N GLU A 141 -37.83 29.39 -7.99
CA GLU A 141 -37.34 29.08 -6.66
C GLU A 141 -36.24 28.01 -6.57
N LEU A 142 -36.02 27.26 -7.63
CA LEU A 142 -35.07 26.14 -7.60
C LEU A 142 -33.86 26.40 -8.44
N LEU A 143 -33.86 27.50 -9.19
CA LEU A 143 -32.72 27.80 -10.07
C LEU A 143 -31.52 28.26 -9.24
N GLU A 144 -31.75 29.16 -8.30
CA GLU A 144 -30.70 29.60 -7.37
C GLU A 144 -30.10 28.52 -6.40
N LEU A 145 -30.41 27.25 -6.62
CA LEU A 145 -29.83 26.15 -5.86
C LEU A 145 -29.00 25.24 -6.77
N MET A 146 -29.14 25.43 -8.08
CA MET A 146 -28.42 24.64 -9.04
C MET A 146 -27.19 25.38 -9.47
N PHE A 147 -26.10 24.66 -9.66
CA PHE A 147 -24.83 25.33 -9.94
C PHE A 147 -24.13 24.70 -11.13
N PHE A 148 -23.89 25.46 -12.20
CA PHE A 148 -23.27 24.90 -13.40
C PHE A 148 -21.94 25.55 -13.68
N PRO A 149 -21.01 24.93 -14.45
CA PRO A 149 -21.21 23.69 -15.20
C PRO A 149 -20.97 22.48 -14.31
N LEU A 150 -21.75 21.40 -14.48
CA LEU A 150 -21.80 20.27 -13.51
C LEU A 150 -20.59 19.38 -13.66
N THR A 151 -19.72 19.82 -14.54
CA THR A 151 -18.60 19.06 -14.98
C THR A 151 -17.49 19.36 -14.04
N GLU A 152 -17.62 20.51 -13.38
CA GLU A 152 -16.76 20.96 -12.28
C GLU A 152 -17.31 20.61 -10.87
N VAL A 153 -16.43 20.00 -10.09
CA VAL A 153 -16.65 19.41 -8.77
C VAL A 153 -17.43 20.25 -7.77
N ALA A 154 -16.94 21.43 -7.46
CA ALA A 154 -17.58 22.30 -6.49
C ALA A 154 -19.04 22.62 -6.87
N SER A 155 -19.25 22.96 -8.15
CA SER A 155 -20.58 23.20 -8.70
C SER A 155 -21.51 21.98 -8.51
N ALA A 156 -20.95 20.77 -8.65
CA ALA A 156 -21.75 19.53 -8.53
C ALA A 156 -22.09 19.23 -7.08
N VAL A 157 -21.06 19.32 -6.24
CA VAL A 157 -21.16 19.10 -4.81
C VAL A 157 -22.27 20.00 -4.31
N ALA A 158 -22.18 21.28 -4.60
CA ALA A 158 -23.22 22.22 -4.21
C ALA A 158 -24.59 21.76 -4.67
N THR A 159 -24.70 21.52 -5.96
CA THR A 159 -25.98 21.15 -6.53
C THR A 159 -26.60 19.96 -5.83
N PHE A 160 -25.86 18.86 -5.75
CA PHE A 160 -26.44 17.60 -5.36
C PHE A 160 -26.56 17.49 -3.89
N ARG A 161 -25.84 18.27 -3.09
CA ARG A 161 -26.16 18.39 -1.65
C ARG A 161 -27.55 19.08 -1.53
N ASN A 162 -27.85 20.00 -2.45
CA ASN A 162 -29.10 20.78 -2.39
C ASN A 162 -30.32 19.94 -2.78
N ILE A 163 -30.12 19.00 -3.70
CA ILE A 163 -31.05 17.87 -3.85
C ILE A 163 -31.15 17.07 -2.56
N ILE A 164 -30.07 16.79 -1.87
CA ILE A 164 -30.23 15.99 -0.67
C ILE A 164 -31.14 16.73 0.36
N GLN A 165 -31.15 18.04 0.26
CA GLN A 165 -31.85 18.86 1.19
C GLN A 165 -33.27 19.08 0.79
N LEU A 166 -33.53 19.03 -0.50
CA LEU A 166 -34.87 19.28 -1.02
C LEU A 166 -35.60 18.06 -0.61
N ALA A 167 -34.92 16.95 -0.77
CA ALA A 167 -35.44 15.66 -0.35
C ALA A 167 -35.74 15.61 1.14
N SER A 168 -34.79 16.12 1.92
CA SER A 168 -34.94 16.28 3.35
C SER A 168 -36.34 16.64 3.77
N ILE A 169 -36.93 17.54 3.00
CA ILE A 169 -38.20 18.20 3.33
C ILE A 169 -39.26 17.85 2.31
N TYR A 170 -39.07 16.72 1.62
CA TYR A 170 -40.02 16.14 0.68
C TYR A 170 -40.43 16.96 -0.52
N ARG A 171 -39.46 17.57 -1.21
CA ARG A 171 -39.77 18.41 -2.39
C ARG A 171 -39.33 17.72 -3.66
N PHE A 172 -39.95 16.59 -3.90
CA PHE A 172 -39.58 15.72 -5.00
C PHE A 172 -39.76 16.40 -6.34
N ASP A 173 -40.86 17.13 -6.43
CA ASP A 173 -41.15 17.92 -7.63
C ASP A 173 -40.04 18.83 -8.06
N LEU A 174 -39.24 19.34 -7.15
CA LEU A 174 -38.23 20.27 -7.57
C LEU A 174 -36.95 19.52 -7.87
N ILE A 175 -36.79 18.36 -7.25
CA ILE A 175 -35.70 17.46 -7.56
C ILE A 175 -35.84 16.87 -8.98
N THR A 176 -37.07 16.65 -9.43
CA THR A 176 -37.29 16.20 -10.79
C THR A 176 -36.91 17.34 -11.77
N LYS A 177 -37.34 18.55 -11.46
CA LYS A 177 -37.08 19.71 -12.29
C LYS A 177 -35.58 20.06 -12.31
N GLY A 178 -34.94 19.83 -11.16
CA GLY A 178 -33.51 20.00 -10.99
C GLY A 178 -32.74 18.94 -11.77
N LEU A 179 -33.21 17.69 -11.69
CA LEU A 179 -32.48 16.64 -12.36
C LEU A 179 -32.46 16.89 -13.85
N LEU A 180 -33.59 17.32 -14.39
CA LEU A 180 -33.72 17.70 -15.79
C LEU A 180 -32.81 18.85 -16.16
N LEU A 181 -32.56 19.74 -15.21
CA LEU A 181 -31.63 20.84 -15.49
C LEU A 181 -30.25 20.23 -15.55
N ALA A 182 -29.81 19.54 -14.49
CA ALA A 182 -28.50 18.90 -14.51
C ALA A 182 -28.18 18.35 -15.92
N ALA A 183 -29.14 17.61 -16.46
CA ALA A 183 -28.98 16.88 -17.68
C ALA A 183 -28.87 17.80 -18.85
N GLN A 184 -29.70 18.82 -18.87
CA GLN A 184 -29.61 19.85 -19.90
C GLN A 184 -28.22 20.51 -20.00
N ASP A 185 -27.63 20.79 -18.84
CA ASP A 185 -26.27 21.31 -18.74
C ASP A 185 -25.28 20.29 -19.27
N LEU A 186 -25.51 19.02 -18.99
CA LEU A 186 -24.60 17.97 -19.40
C LEU A 186 -24.83 17.46 -20.80
N ASP A 187 -25.73 18.09 -21.57
CA ASP A 187 -25.99 17.74 -22.98
C ASP A 187 -26.45 16.28 -23.07
N PHE A 188 -27.30 15.90 -22.12
CA PHE A 188 -27.68 14.49 -21.83
C PHE A 188 -29.17 14.41 -22.01
N ASN A 189 -29.63 13.69 -23.03
CA ASN A 189 -31.04 13.70 -23.32
C ASN A 189 -31.80 12.81 -22.36
N LEU A 190 -32.04 13.30 -21.13
CA LEU A 190 -32.50 12.47 -20.01
C LEU A 190 -33.86 11.84 -20.24
N VAL A 191 -34.85 12.55 -20.80
CA VAL A 191 -36.17 11.89 -20.92
C VAL A 191 -36.20 10.94 -22.13
N GLY A 192 -35.42 11.25 -23.15
CA GLY A 192 -35.16 10.24 -24.14
C GLY A 192 -34.72 9.00 -23.40
N TYR A 193 -33.63 9.10 -22.66
CA TYR A 193 -33.03 7.93 -22.05
C TYR A 193 -34.00 7.23 -21.09
N TYR A 194 -34.85 7.99 -20.42
CA TYR A 194 -35.80 7.43 -19.47
C TYR A 194 -36.89 6.57 -20.13
N VAL A 195 -37.28 6.96 -21.35
CA VAL A 195 -38.30 6.28 -22.15
C VAL A 195 -37.69 5.03 -22.78
N ALA A 196 -36.51 5.19 -23.36
CA ALA A 196 -35.78 4.05 -23.87
C ALA A 196 -35.65 2.97 -22.76
N LYS A 197 -35.14 3.40 -21.62
CA LYS A 197 -34.96 2.51 -20.52
C LYS A 197 -36.30 1.99 -20.04
N TYR A 198 -37.35 2.77 -20.16
CA TYR A 198 -38.67 2.27 -19.71
C TYR A 198 -39.13 1.06 -20.58
N THR A 199 -38.90 1.21 -21.87
CA THR A 199 -39.33 0.28 -22.88
C THR A 199 -38.56 -0.99 -22.83
N LEU A 200 -37.35 -0.95 -22.30
CA LEU A 200 -36.55 -2.14 -22.14
C LEU A 200 -37.13 -2.97 -21.02
N ASN A 201 -37.33 -2.37 -19.85
CA ASN A 201 -38.04 -3.02 -18.77
C ASN A 201 -39.31 -3.76 -19.16
N GLN A 202 -40.02 -3.18 -20.12
CA GLN A 202 -41.17 -3.83 -20.70
C GLN A 202 -40.78 -5.15 -21.31
N ILE A 203 -39.74 -5.14 -22.14
CA ILE A 203 -39.27 -6.33 -22.81
C ILE A 203 -38.91 -7.37 -21.73
N ARG A 204 -38.18 -6.96 -20.71
CA ARG A 204 -37.59 -7.91 -19.75
C ARG A 204 -38.62 -8.64 -18.86
N GLN A 205 -39.85 -8.14 -18.82
CA GLN A 205 -40.98 -8.90 -18.26
C GLN A 205 -41.40 -10.02 -19.27
N LEU A 206 -41.80 -9.61 -20.47
CA LEU A 206 -42.25 -10.54 -21.53
C LEU A 206 -41.07 -11.39 -22.06
N GLU A 222 -23.74 -3.22 -21.99
CA GLU A 222 -23.73 -2.95 -23.43
C GLU A 222 -25.12 -2.59 -23.87
N ASP A 223 -26.11 -3.12 -23.16
CA ASP A 223 -27.51 -2.73 -23.37
C ASP A 223 -27.55 -1.21 -23.45
N ASN A 224 -27.04 -0.54 -22.43
CA ASN A 224 -26.87 0.92 -22.45
C ASN A 224 -26.43 1.50 -23.81
N GLU A 225 -25.36 0.99 -24.43
CA GLU A 225 -24.99 1.46 -25.78
C GLU A 225 -26.16 1.51 -26.80
N LEU A 226 -26.94 0.40 -26.90
CA LEU A 226 -28.14 0.28 -27.77
C LEU A 226 -29.23 1.24 -27.42
N LEU A 227 -29.39 1.45 -26.13
CA LEU A 227 -30.42 2.34 -25.66
C LEU A 227 -30.16 3.75 -26.16
N HIS A 228 -28.91 4.18 -26.05
CA HIS A 228 -28.51 5.55 -26.35
C HIS A 228 -28.68 5.75 -27.85
N GLU A 229 -28.43 4.68 -28.62
CA GLU A 229 -28.68 4.63 -30.08
C GLU A 229 -30.17 4.80 -30.52
N CYS A 230 -31.08 4.34 -29.68
CA CYS A 230 -32.50 4.50 -29.95
C CYS A 230 -32.93 5.92 -29.67
N VAL A 231 -32.28 6.52 -28.69
CA VAL A 231 -32.63 7.85 -28.25
C VAL A 231 -32.28 8.76 -29.39
N GLN A 232 -31.23 8.43 -30.13
CA GLN A 232 -30.83 9.22 -31.29
C GLN A 232 -31.91 9.34 -32.40
N SER A 233 -32.60 8.25 -32.74
CA SER A 233 -33.63 8.33 -33.79
C SER A 233 -34.66 9.45 -33.52
N VAL A 234 -34.66 9.92 -32.27
CA VAL A 234 -35.57 10.94 -31.77
C VAL A 234 -34.80 12.05 -31.08
N SER A 235 -35.29 13.28 -31.16
CA SER A 235 -34.55 14.50 -30.77
C SER A 235 -34.76 14.92 -29.31
N VAL A 236 -34.04 15.93 -28.82
CA VAL A 236 -34.29 16.40 -27.43
C VAL A 236 -35.48 17.32 -27.37
N GLU A 237 -35.46 18.29 -28.26
CA GLU A 237 -36.55 19.26 -28.38
C GLU A 237 -37.88 18.50 -28.54
N ASP A 238 -37.87 17.44 -29.36
CA ASP A 238 -39.04 16.60 -29.63
C ASP A 238 -39.65 15.96 -28.42
N VAL A 239 -38.87 15.16 -27.69
CA VAL A 239 -39.41 14.38 -26.55
C VAL A 239 -39.99 15.24 -25.40
N LEU A 240 -39.71 16.55 -25.41
CA LEU A 240 -40.18 17.54 -24.40
C LEU A 240 -41.26 18.46 -24.89
N ASN A 241 -41.30 18.68 -26.18
CA ASN A 241 -42.24 19.59 -26.75
C ASN A 241 -43.71 19.12 -26.56
N GLU A 242 -44.43 19.80 -25.68
CA GLU A 242 -45.86 19.59 -25.50
C GLU A 242 -46.57 19.48 -26.86
N GLY A 243 -47.25 18.38 -27.11
CA GLY A 243 -47.86 18.17 -28.41
C GLY A 243 -47.15 16.98 -29.04
N THR A 244 -46.14 17.23 -29.85
CA THR A 244 -45.37 16.09 -30.42
C THR A 244 -44.76 15.01 -29.47
N TYR A 245 -44.71 15.22 -28.13
CA TYR A 245 -43.82 14.39 -27.27
C TYR A 245 -44.23 12.91 -27.20
N LEU A 246 -45.51 12.63 -27.08
CA LEU A 246 -45.97 11.25 -27.02
C LEU A 246 -45.86 10.51 -28.37
N LYS A 247 -45.84 11.25 -29.47
CA LYS A 247 -45.49 10.66 -30.74
C LYS A 247 -44.00 10.25 -30.68
N ALA A 248 -43.19 11.15 -30.15
CA ALA A 248 -41.76 10.94 -30.14
C ALA A 248 -41.34 9.87 -29.17
N TRP A 249 -42.03 9.75 -28.03
CA TRP A 249 -41.71 8.69 -27.07
C TRP A 249 -42.09 7.33 -27.66
N GLU A 250 -43.17 7.29 -28.42
CA GLU A 250 -43.54 6.07 -29.10
C GLU A 250 -42.49 5.68 -30.14
N LYS A 251 -41.84 6.68 -30.76
CA LYS A 251 -40.78 6.39 -31.72
C LYS A 251 -39.60 5.75 -31.04
N ILE A 252 -39.23 6.24 -29.89
CA ILE A 252 -38.13 5.64 -29.13
C ILE A 252 -38.48 4.24 -28.70
N ALA A 253 -39.61 4.07 -28.04
CA ALA A 253 -40.11 2.73 -27.63
C ALA A 253 -39.96 1.65 -28.74
N CYS A 254 -40.31 2.09 -29.92
CA CYS A 254 -40.41 1.24 -31.04
C CYS A 254 -39.02 0.89 -31.55
N SER A 255 -38.10 1.84 -31.41
CA SER A 255 -36.69 1.67 -31.76
C SER A 255 -36.01 0.77 -30.80
N VAL A 256 -36.47 0.75 -29.55
CA VAL A 256 -35.91 -0.16 -28.57
C VAL A 256 -36.35 -1.58 -28.94
N PHE A 257 -37.67 -1.84 -28.96
CA PHE A 257 -38.26 -3.13 -29.35
C PHE A 257 -37.65 -3.79 -30.56
N ASP A 258 -37.51 -3.03 -31.65
CA ASP A 258 -36.78 -3.46 -32.87
C ASP A 258 -35.32 -3.78 -32.59
N ALA A 259 -34.66 -2.83 -31.99
CA ALA A 259 -33.28 -2.98 -31.63
C ALA A 259 -33.01 -4.22 -30.79
N PHE A 260 -33.94 -4.57 -29.89
CA PHE A 260 -33.69 -5.72 -29.02
C PHE A 260 -34.23 -6.93 -29.70
N GLY A 261 -35.37 -6.87 -30.34
CA GLY A 261 -35.78 -7.95 -31.22
C GLY A 261 -37.09 -8.55 -30.81
N MET A 262 -37.89 -7.73 -30.15
CA MET A 262 -39.26 -8.04 -29.84
C MET A 262 -39.97 -8.22 -31.10
N PRO A 263 -40.26 -9.47 -31.46
CA PRO A 263 -40.89 -9.76 -32.75
C PRO A 263 -42.16 -8.94 -32.89
N GLU A 264 -42.45 -8.43 -34.09
CA GLU A 264 -43.54 -7.44 -34.15
C GLU A 264 -44.77 -8.04 -33.48
N GLU A 265 -44.87 -9.34 -33.59
CA GLU A 265 -46.04 -10.02 -33.16
C GLU A 265 -46.29 -10.05 -31.65
N GLU A 266 -45.31 -9.84 -30.80
CA GLU A 266 -45.53 -9.98 -29.34
C GLU A 266 -45.84 -8.66 -28.68
N ARG A 267 -46.22 -7.68 -29.50
CA ARG A 267 -46.28 -6.30 -29.05
C ARG A 267 -47.68 -5.81 -28.87
N ARG A 268 -48.67 -6.68 -29.12
CA ARG A 268 -50.04 -6.21 -29.24
C ARG A 268 -50.36 -5.25 -28.13
N HIS A 269 -49.85 -5.49 -26.95
CA HIS A 269 -50.15 -4.55 -25.91
C HIS A 269 -48.99 -3.71 -25.39
N ALA A 270 -47.79 -3.89 -25.92
CA ALA A 270 -46.66 -3.18 -25.35
C ALA A 270 -46.90 -1.67 -25.19
N TYR A 271 -47.58 -1.00 -26.14
CA TYR A 271 -47.64 0.46 -26.19
C TYR A 271 -48.79 1.08 -25.35
N ASP A 272 -49.49 0.23 -24.61
CA ASP A 272 -50.76 0.57 -23.93
C ASP A 272 -50.65 1.64 -22.83
N TRP A 273 -49.77 1.40 -21.87
CA TRP A 273 -49.58 2.27 -20.71
C TRP A 273 -49.03 3.57 -21.25
N LEU A 274 -48.02 3.46 -22.10
CA LEU A 274 -47.45 4.59 -22.83
C LEU A 274 -48.56 5.43 -23.45
N LYS A 275 -49.53 4.80 -24.10
CA LYS A 275 -50.66 5.55 -24.69
C LYS A 275 -51.49 6.22 -23.62
N SER A 276 -51.68 5.51 -22.52
CA SER A 276 -52.43 5.99 -21.36
C SER A 276 -51.71 7.06 -20.57
N ALA A 277 -50.45 7.26 -20.89
CA ALA A 277 -49.64 8.24 -20.21
C ALA A 277 -49.92 9.66 -20.68
N ALA A 278 -50.89 9.84 -21.57
CA ALA A 278 -51.28 11.20 -21.97
C ALA A 278 -52.22 11.87 -20.95
N LEU A 279 -52.96 11.04 -20.21
CA LEU A 279 -53.99 11.44 -19.24
C LEU A 279 -54.93 12.55 -19.82
N ASP A 280 -55.97 12.20 -20.44
N PRO B 11 -15.79 11.97 28.92
CA PRO B 11 -14.99 12.79 29.93
C PRO B 11 -14.54 14.04 29.25
N ALA B 12 -13.64 14.82 29.82
CA ALA B 12 -13.61 16.24 29.48
C ALA B 12 -12.31 16.78 28.90
N ARG B 13 -11.16 16.45 29.49
CA ARG B 13 -9.87 16.86 28.93
C ARG B 13 -9.52 15.86 27.87
N VAL B 14 -10.06 14.64 28.01
CA VAL B 14 -9.96 13.62 26.98
C VAL B 14 -10.60 14.17 25.70
N LEU B 15 -11.79 14.72 25.79
CA LEU B 15 -12.49 15.29 24.65
C LEU B 15 -11.74 16.46 24.03
N ASN B 16 -11.04 17.22 24.85
CA ASN B 16 -10.17 18.28 24.34
C ASN B 16 -8.99 17.68 23.69
N SER B 17 -8.50 16.64 24.33
CA SER B 17 -7.33 15.97 23.81
C SER B 17 -7.68 15.35 22.45
N LEU B 18 -8.91 14.91 22.25
CA LEU B 18 -9.31 14.36 20.96
C LEU B 18 -9.28 15.43 19.86
N ALA B 19 -9.84 16.59 20.14
CA ALA B 19 -9.86 17.68 19.16
C ALA B 19 -8.47 18.20 18.74
N HIS B 20 -7.51 18.04 19.63
CA HIS B 20 -6.14 18.45 19.37
C HIS B 20 -5.46 17.48 18.42
N LEU B 21 -5.71 16.21 18.61
CA LEU B 21 -5.16 15.22 17.72
C LEU B 21 -5.76 15.48 16.36
N GLN B 22 -7.08 15.67 16.31
CA GLN B 22 -7.72 15.92 15.04
C GLN B 22 -7.03 17.07 14.27
N ASP B 23 -6.60 18.10 14.98
CA ASP B 23 -5.93 19.25 14.41
C ASP B 23 -4.66 18.80 13.74
N GLY B 24 -3.90 17.98 14.44
CA GLY B 24 -2.64 17.47 13.93
C GLY B 24 -2.81 16.54 12.75
N LEU B 25 -3.84 15.72 12.76
CA LEU B 25 -4.09 14.90 11.59
C LEU B 25 -4.38 15.78 10.38
N ASN B 26 -5.27 16.72 10.53
CA ASN B 26 -5.60 17.58 9.41
C ASN B 26 -4.35 18.36 8.97
N ILE B 27 -3.51 18.82 9.90
CA ILE B 27 -2.26 19.53 9.52
C ILE B 27 -1.33 18.62 8.70
N PHE B 28 -1.28 17.34 9.05
CA PHE B 28 -0.55 16.31 8.30
C PHE B 28 -0.95 16.25 6.81
N MET B 29 -2.23 16.52 6.54
CA MET B 29 -2.77 16.49 5.20
C MET B 29 -2.47 17.76 4.47
N ASP B 30 -2.89 18.90 5.02
CA ASP B 30 -2.44 20.22 4.54
C ASP B 30 -2.25 21.06 5.80
N PRO B 31 -1.06 21.66 5.97
CA PRO B 31 -0.77 22.46 7.19
C PRO B 31 -1.66 23.69 7.38
N ASP B 32 -1.85 24.36 6.26
CA ASP B 32 -2.73 25.49 6.24
C ASP B 32 -4.16 25.03 6.04
N TRP B 33 -4.57 23.90 6.63
CA TRP B 33 -5.94 23.38 6.43
C TRP B 33 -7.03 24.33 6.91
N ARG B 34 -6.90 24.90 8.09
CA ARG B 34 -7.97 25.78 8.58
C ARG B 34 -8.25 26.87 7.57
N GLN B 35 -7.24 27.22 6.80
CA GLN B 35 -7.30 28.28 5.81
C GLN B 35 -7.86 27.79 4.47
N ILE B 36 -7.43 26.63 3.98
CA ILE B 36 -7.88 26.09 2.70
C ILE B 36 -9.23 25.37 2.83
N ARG B 37 -9.45 24.67 3.94
CA ARG B 37 -10.75 24.04 4.26
C ARG B 37 -11.84 25.07 4.53
N HIS B 38 -13.05 24.58 4.56
CA HIS B 38 -14.26 25.38 4.68
C HIS B 38 -15.29 24.50 5.44
N VAL B 39 -16.13 25.16 6.21
CA VAL B 39 -17.07 24.46 7.08
C VAL B 39 -17.91 23.47 6.27
N ASP B 40 -18.19 23.77 5.01
CA ASP B 40 -18.98 22.85 4.18
C ASP B 40 -18.26 21.65 3.69
N ASP B 41 -16.95 21.73 3.51
CA ASP B 41 -16.18 20.51 3.27
C ASP B 41 -16.48 19.46 4.35
N TRP B 42 -16.53 19.87 5.60
CA TRP B 42 -16.82 18.92 6.66
C TRP B 42 -18.26 18.50 6.70
N ALA B 43 -19.15 19.34 6.22
CA ALA B 43 -20.55 18.95 6.14
C ALA B 43 -20.72 17.83 5.11
N LEU B 44 -20.12 18.02 3.95
CA LEU B 44 -20.09 17.02 2.90
C LEU B 44 -19.52 15.71 3.39
N ALA B 45 -18.31 15.80 3.98
CA ALA B 45 -17.58 14.62 4.44
C ALA B 45 -18.48 13.81 5.31
N ILE B 46 -19.21 14.45 6.23
CA ILE B 46 -20.04 13.73 7.15
C ILE B 46 -21.22 13.14 6.41
N THR B 47 -21.74 13.85 5.43
CA THR B 47 -22.83 13.34 4.64
C THR B 47 -22.49 12.01 3.96
N MET B 48 -21.30 11.94 3.38
CA MET B 48 -20.91 10.74 2.68
C MET B 48 -20.61 9.55 3.60
N GLU B 49 -19.79 9.76 4.67
CA GLU B 49 -19.47 8.65 5.61
C GLU B 49 -20.76 8.27 6.38
N SER B 50 -21.81 9.08 6.28
CA SER B 50 -23.07 8.71 6.87
C SER B 50 -23.82 7.82 5.90
N ALA B 51 -23.77 8.13 4.64
CA ALA B 51 -24.32 7.22 3.63
C ALA B 51 -23.57 5.88 3.53
N GLU B 52 -22.27 5.87 3.76
CA GLU B 52 -21.48 4.65 3.71
C GLU B 52 -21.83 3.79 4.94
N LEU B 53 -22.19 4.41 6.07
CA LEU B 53 -22.67 3.73 7.28
C LEU B 53 -24.05 3.17 7.08
N ILE B 54 -24.98 3.98 6.60
CA ILE B 54 -26.34 3.50 6.23
C ILE B 54 -26.38 2.36 5.17
N ASP B 55 -25.45 2.31 4.21
CA ASP B 55 -25.44 1.27 3.15
C ASP B 55 -25.04 -0.13 3.68
N SER B 56 -24.20 -0.13 4.70
CA SER B 56 -23.97 -1.25 5.60
C SER B 56 -25.22 -2.07 5.90
N TYR B 57 -26.29 -1.31 6.15
CA TYR B 57 -27.56 -1.82 6.63
C TYR B 57 -28.47 -2.18 5.44
N PRO B 58 -29.36 -3.17 5.61
CA PRO B 58 -30.26 -3.59 4.55
C PRO B 58 -31.44 -2.62 4.40
N TRP B 59 -31.13 -1.42 3.94
CA TRP B 59 -32.11 -0.39 3.75
C TRP B 59 -32.89 -0.49 2.44
N LYS B 60 -32.38 -1.21 1.45
CA LYS B 60 -33.14 -1.39 0.19
C LYS B 60 -34.37 -2.33 0.34
N TRP B 61 -35.50 -1.78 0.69
CA TRP B 61 -36.76 -2.51 0.67
C TRP B 61 -36.93 -3.43 -0.56
N TRP B 62 -36.37 -3.07 -1.71
CA TRP B 62 -36.53 -3.87 -2.93
C TRP B 62 -35.46 -4.96 -3.10
N LYS B 63 -34.79 -5.40 -2.03
CA LYS B 63 -33.67 -6.34 -2.16
C LYS B 63 -33.63 -7.41 -1.02
N ASN B 64 -32.54 -8.21 -1.04
CA ASN B 64 -32.14 -9.14 0.05
C ASN B 64 -31.81 -8.45 1.37
N VAL B 65 -32.71 -8.67 2.32
CA VAL B 65 -32.64 -8.13 3.68
C VAL B 65 -31.95 -9.15 4.60
N LYS B 66 -31.67 -10.32 4.06
CA LYS B 66 -31.37 -11.50 4.90
C LYS B 66 -29.94 -11.53 5.52
N ALA B 67 -28.97 -10.95 4.82
CA ALA B 67 -27.59 -10.97 5.29
C ALA B 67 -27.39 -10.13 6.56
N GLN B 68 -26.42 -10.49 7.39
CA GLN B 68 -26.27 -9.82 8.67
C GLN B 68 -25.58 -8.50 8.53
N THR B 69 -26.06 -7.46 9.18
CA THR B 69 -25.35 -6.18 9.13
C THR B 69 -24.00 -6.22 9.81
N ASP B 70 -22.95 -5.82 9.11
CA ASP B 70 -21.60 -5.88 9.64
C ASP B 70 -21.40 -4.74 10.65
N MET B 71 -21.61 -5.10 11.91
CA MET B 71 -21.69 -4.17 13.03
C MET B 71 -20.32 -3.66 13.39
N HIS B 72 -19.30 -4.51 13.27
CA HIS B 72 -17.95 -4.07 13.44
C HIS B 72 -17.60 -2.99 12.44
N ASN B 73 -18.06 -3.12 11.20
CA ASN B 73 -17.84 -2.05 10.24
C ASN B 73 -18.47 -0.74 10.72
N VAL B 74 -19.59 -0.80 11.41
CA VAL B 74 -20.28 0.39 11.80
C VAL B 74 -19.42 1.21 12.76
N ARG B 75 -18.84 0.53 13.72
CA ARG B 75 -17.92 1.17 14.63
C ARG B 75 -16.97 2.13 13.93
N ILE B 76 -16.35 1.63 12.87
CA ILE B 76 -15.27 2.31 12.19
C ILE B 76 -15.84 3.46 11.40
N GLU B 77 -16.98 3.29 10.78
CA GLU B 77 -17.55 4.41 10.11
C GLU B 77 -18.03 5.42 11.21
N ILE B 78 -18.31 5.01 12.44
CA ILE B 78 -18.69 6.02 13.44
C ILE B 78 -17.46 6.80 13.87
N ALA B 79 -16.33 6.14 13.98
CA ALA B 79 -15.06 6.79 14.29
C ALA B 79 -14.67 7.78 13.24
N ASP B 80 -15.06 7.49 11.99
CA ASP B 80 -14.76 8.34 10.81
C ASP B 80 -15.64 9.61 10.79
N ILE B 81 -16.88 9.47 11.19
CA ILE B 81 -17.74 10.61 11.26
C ILE B 81 -17.19 11.50 12.35
N LEU B 82 -16.70 10.87 13.43
CA LEU B 82 -16.25 11.63 14.61
C LEU B 82 -15.07 12.54 14.16
N HIS B 83 -14.12 11.93 13.44
CA HIS B 83 -13.01 12.64 12.87
C HIS B 83 -13.50 13.92 12.16
N PHE B 84 -14.57 13.77 11.38
CA PHE B 84 -15.12 14.91 10.64
C PHE B 84 -15.85 16.00 11.48
N SER B 85 -16.52 15.62 12.57
CA SER B 85 -17.21 16.60 13.42
C SER B 85 -16.24 17.33 14.39
N LEU B 86 -15.18 16.65 14.82
CA LEU B 86 -14.14 17.30 15.59
C LEU B 86 -13.58 18.36 14.66
N SER B 87 -13.31 17.95 13.42
CA SER B 87 -12.79 18.86 12.41
C SER B 87 -13.72 20.04 12.21
N GLY B 88 -14.99 19.74 12.06
CA GLY B 88 -16.02 20.74 11.85
C GLY B 88 -16.05 21.74 12.96
N GLU B 89 -16.09 21.26 14.21
CA GLU B 89 -16.17 22.09 15.41
C GLU B 89 -15.03 23.06 15.40
N ILE B 90 -13.83 22.58 15.05
CA ILE B 90 -12.58 23.36 15.12
C ILE B 90 -12.57 24.50 14.11
N GLN B 91 -13.26 24.31 13.00
CA GLN B 91 -13.17 25.20 11.87
C GLN B 91 -14.12 26.31 12.12
N LYS B 92 -15.26 25.94 12.66
CA LYS B 92 -16.31 26.88 13.02
C LYS B 92 -15.84 28.00 13.97
N ARG B 93 -14.54 28.16 14.22
CA ARG B 93 -14.00 29.39 14.85
C ARG B 93 -12.93 30.11 13.99
N ASP B 102 -30.26 27.33 17.94
CA ASP B 102 -31.03 26.85 19.10
C ASP B 102 -32.50 26.79 18.73
N VAL B 103 -33.15 27.97 18.73
CA VAL B 103 -34.50 28.18 18.16
C VAL B 103 -34.46 27.95 16.63
N ALA B 104 -33.30 28.21 16.04
CA ALA B 104 -32.93 27.67 14.72
C ALA B 104 -33.32 26.18 14.60
N LEU B 105 -32.71 25.36 15.46
CA LEU B 105 -32.91 23.89 15.50
C LEU B 105 -34.38 23.45 15.85
N LYS B 106 -34.99 24.04 16.89
CA LYS B 106 -36.34 23.63 17.34
C LYS B 106 -37.45 24.01 16.35
N SER B 107 -37.18 25.01 15.50
CA SER B 107 -38.11 25.41 14.44
C SER B 107 -37.97 24.41 13.28
N LEU B 108 -36.74 23.95 13.06
CA LEU B 108 -36.47 22.89 12.08
C LEU B 108 -37.15 21.65 12.53
N LYS B 109 -37.13 21.35 13.81
CA LYS B 109 -37.80 20.16 14.35
C LYS B 109 -39.30 20.26 14.08
N GLU B 110 -39.84 21.47 14.24
CA GLU B 110 -41.23 21.73 13.94
C GLU B 110 -41.48 21.52 12.43
N MET B 111 -40.75 22.27 11.63
CA MET B 111 -40.78 22.06 10.19
C MET B 111 -41.13 20.66 9.72
N GLY B 112 -40.36 19.70 10.22
CA GLY B 112 -40.34 18.31 9.77
C GLY B 112 -39.04 18.00 9.05
N PHE B 113 -37.97 18.63 9.53
CA PHE B 113 -36.71 18.75 8.80
C PHE B 113 -35.85 17.58 9.26
N PHE B 114 -36.18 17.08 10.42
CA PHE B 114 -35.48 15.90 10.90
C PHE B 114 -36.35 14.70 10.60
N CYS B 115 -35.96 13.52 11.05
CA CYS B 115 -36.83 12.38 10.82
C CYS B 115 -36.89 11.34 11.89
N ARG B 116 -37.91 10.49 11.76
CA ARG B 116 -38.20 9.36 12.64
C ARG B 116 -38.48 8.05 11.88
N PRO B 117 -38.28 6.90 12.53
CA PRO B 117 -38.80 5.64 12.00
C PRO B 117 -40.32 5.60 12.18
N PRO B 118 -41.05 4.69 11.54
CA PRO B 118 -42.52 4.67 11.60
C PRO B 118 -43.19 4.39 12.98
N ASP B 140 -30.65 16.62 24.95
CA ASP B 140 -32.09 16.41 24.84
C ASP B 140 -32.53 16.81 23.45
N GLU B 141 -32.41 18.11 23.16
CA GLU B 141 -32.50 18.59 21.77
C GLU B 141 -31.81 17.54 20.87
N LEU B 142 -30.80 16.87 21.43
CA LEU B 142 -30.06 15.77 20.80
C LEU B 142 -30.71 14.38 20.89
N LEU B 143 -31.12 13.94 22.06
CA LEU B 143 -31.72 12.61 22.16
C LEU B 143 -33.22 12.62 21.72
N GLU B 144 -33.57 13.58 20.88
CA GLU B 144 -34.89 13.59 20.22
C GLU B 144 -34.73 13.30 18.67
N LEU B 145 -33.47 13.17 18.23
CA LEU B 145 -33.09 12.80 16.88
C LEU B 145 -32.22 11.55 16.83
N MET B 146 -31.89 10.95 17.97
CA MET B 146 -31.24 9.62 17.98
C MET B 146 -32.27 8.56 18.34
N PHE B 147 -32.19 7.41 17.68
CA PHE B 147 -33.16 6.33 17.84
C PHE B 147 -32.45 5.04 18.02
N PHE B 148 -32.74 4.31 19.08
CA PHE B 148 -31.97 3.11 19.40
C PHE B 148 -32.95 1.90 19.46
N PRO B 149 -32.46 0.65 19.37
CA PRO B 149 -31.05 0.29 19.14
C PRO B 149 -30.51 0.65 17.78
N LEU B 150 -29.22 0.97 17.70
CA LEU B 150 -28.53 1.17 16.41
C LEU B 150 -28.34 -0.10 15.59
N THR B 151 -28.83 -1.21 16.14
CA THR B 151 -28.66 -2.56 15.61
C THR B 151 -29.69 -2.95 14.53
N GLU B 152 -30.93 -2.44 14.64
CA GLU B 152 -31.97 -2.59 13.60
C GLU B 152 -31.83 -1.54 12.51
N VAL B 153 -31.98 -1.98 11.27
CA VAL B 153 -31.95 -1.09 10.10
C VAL B 153 -32.64 0.23 10.31
N ALA B 154 -33.86 0.17 10.80
CA ALA B 154 -34.70 1.31 10.73
C ALA B 154 -34.18 2.43 11.63
N SER B 155 -33.76 2.05 12.84
CA SER B 155 -33.38 3.05 13.85
C SER B 155 -32.06 3.67 13.48
N ALA B 156 -31.18 2.86 12.89
CA ALA B 156 -29.96 3.36 12.25
C ALA B 156 -30.22 4.36 11.16
N VAL B 157 -31.20 4.07 10.31
CA VAL B 157 -31.50 4.94 9.19
C VAL B 157 -31.97 6.30 9.66
N ALA B 158 -32.83 6.36 10.64
CA ALA B 158 -33.32 7.65 11.10
C ALA B 158 -32.18 8.38 11.75
N THR B 159 -31.43 7.67 12.55
CA THR B 159 -30.38 8.24 13.36
C THR B 159 -29.35 8.94 12.49
N PHE B 160 -28.74 8.26 11.52
CA PHE B 160 -27.72 8.89 10.66
C PHE B 160 -28.28 9.72 9.51
N ARG B 161 -29.54 9.52 9.14
CA ARG B 161 -30.23 10.48 8.27
C ARG B 161 -30.26 11.83 8.95
N ASN B 162 -30.44 11.79 10.26
CA ASN B 162 -30.51 12.99 11.13
C ASN B 162 -29.13 13.54 11.49
N ILE B 163 -28.13 12.65 11.64
CA ILE B 163 -26.75 13.08 11.66
C ILE B 163 -26.40 13.87 10.40
N ILE B 164 -26.97 13.55 9.24
CA ILE B 164 -26.66 14.33 8.03
C ILE B 164 -27.32 15.66 8.12
N GLN B 165 -28.58 15.60 8.52
CA GLN B 165 -29.42 16.80 8.64
C GLN B 165 -28.77 17.82 9.57
N LEU B 166 -28.30 17.36 10.74
CA LEU B 166 -27.42 18.14 11.61
C LEU B 166 -26.19 18.79 10.93
N ALA B 167 -25.45 18.01 10.14
CA ALA B 167 -24.18 18.47 9.55
C ALA B 167 -24.42 19.58 8.55
N SER B 168 -25.67 19.59 8.06
CA SER B 168 -26.18 20.53 7.10
C SER B 168 -26.32 21.90 7.70
N ILE B 169 -26.81 21.98 8.94
CA ILE B 169 -26.87 23.26 9.68
C ILE B 169 -25.61 23.48 10.52
N TYR B 170 -24.56 22.75 10.19
CA TYR B 170 -23.27 22.86 10.87
C TYR B 170 -23.30 22.71 12.40
N ARG B 171 -24.15 21.82 12.92
CA ARG B 171 -24.16 21.50 14.36
C ARG B 171 -23.27 20.29 14.66
N PHE B 172 -21.99 20.45 14.30
CA PHE B 172 -20.97 19.45 14.58
C PHE B 172 -20.94 19.15 16.06
N ASP B 173 -21.15 20.18 16.87
CA ASP B 173 -21.20 19.94 18.31
C ASP B 173 -22.18 18.78 18.73
N LEU B 174 -23.41 18.80 18.21
CA LEU B 174 -24.40 17.78 18.49
C LEU B 174 -24.09 16.48 17.79
N ILE B 175 -23.38 16.53 16.65
CA ILE B 175 -23.00 15.28 16.00
C ILE B 175 -22.04 14.51 16.90
N THR B 176 -20.94 15.15 17.30
CA THR B 176 -19.92 14.51 18.12
C THR B 176 -20.60 13.77 19.21
N LYS B 177 -21.55 14.44 19.83
CA LYS B 177 -22.10 14.02 21.10
C LYS B 177 -23.04 12.86 20.87
N GLY B 178 -23.71 12.85 19.72
CA GLY B 178 -24.59 11.74 19.36
C GLY B 178 -23.79 10.51 19.03
N LEU B 179 -22.60 10.76 18.49
CA LEU B 179 -21.68 9.68 18.18
C LEU B 179 -21.26 8.97 19.48
N LEU B 180 -21.08 9.70 20.56
CA LEU B 180 -20.68 9.08 21.81
C LEU B 180 -21.83 8.39 22.43
N LEU B 181 -22.99 8.95 22.17
CA LEU B 181 -24.23 8.41 22.64
C LEU B 181 -24.43 7.12 21.94
N ALA B 182 -24.15 7.12 20.64
CA ALA B 182 -24.28 5.94 19.81
C ALA B 182 -23.24 4.86 20.18
N ALA B 183 -22.11 5.27 20.68
CA ALA B 183 -21.07 4.32 21.02
C ALA B 183 -21.51 3.52 22.24
N GLN B 184 -22.32 4.12 23.10
CA GLN B 184 -22.76 3.43 24.31
C GLN B 184 -23.96 2.58 24.07
N ASP B 185 -24.68 2.78 22.98
CA ASP B 185 -25.71 1.82 22.65
C ASP B 185 -25.12 0.56 22.02
N LEU B 186 -24.15 0.78 21.14
CA LEU B 186 -23.48 -0.33 20.52
C LEU B 186 -22.44 -0.91 21.50
N ASP B 187 -22.32 -0.33 22.68
CA ASP B 187 -21.43 -0.90 23.64
C ASP B 187 -20.04 -1.20 23.03
N PHE B 188 -19.45 -0.15 22.43
CA PHE B 188 -18.08 -0.17 21.89
C PHE B 188 -17.20 1.09 22.24
N ASN B 189 -15.90 0.94 22.00
CA ASN B 189 -14.91 1.84 22.55
C ASN B 189 -14.52 2.92 21.58
N LEU B 190 -15.41 3.90 21.39
CA LEU B 190 -15.22 4.97 20.39
C LEU B 190 -13.89 5.68 20.45
N VAL B 191 -13.54 6.16 21.64
CA VAL B 191 -12.26 6.83 21.84
C VAL B 191 -11.11 5.96 21.39
N GLY B 192 -11.16 4.67 21.72
CA GLY B 192 -10.11 3.77 21.26
C GLY B 192 -10.03 3.66 19.74
N TYR B 193 -11.20 3.54 19.11
CA TYR B 193 -11.27 3.33 17.69
C TYR B 193 -10.84 4.61 17.00
N TYR B 194 -11.18 5.75 17.57
CA TYR B 194 -10.78 7.00 17.01
C TYR B 194 -9.26 7.05 16.95
N VAL B 195 -8.60 6.72 18.05
CA VAL B 195 -7.16 6.79 18.04
C VAL B 195 -6.56 5.84 17.01
N ALA B 196 -7.13 4.65 16.87
CA ALA B 196 -6.61 3.64 15.94
C ALA B 196 -6.72 4.10 14.50
N LYS B 197 -7.89 4.57 14.12
CA LYS B 197 -8.14 5.09 12.79
C LYS B 197 -7.32 6.39 12.55
N TYR B 198 -7.11 7.14 13.61
CA TYR B 198 -6.39 8.39 13.53
C TYR B 198 -5.05 8.02 13.01
N THR B 199 -4.49 6.96 13.57
CA THR B 199 -3.12 6.62 13.27
C THR B 199 -3.04 5.95 11.89
N LEU B 200 -4.10 5.24 11.48
CA LEU B 200 -4.18 4.65 10.15
C LEU B 200 -4.28 5.70 9.10
N ASN B 201 -5.12 6.70 9.35
CA ASN B 201 -5.20 7.87 8.49
C ASN B 201 -3.82 8.51 8.12
N GLN B 202 -2.91 8.50 9.08
CA GLN B 202 -1.51 8.88 8.85
C GLN B 202 -0.78 7.89 7.96
N ILE B 203 -0.83 6.62 8.32
CA ILE B 203 -0.15 5.58 7.57
C ILE B 203 -0.50 5.70 6.10
N ARG B 204 -1.76 5.86 5.83
CA ARG B 204 -2.28 5.99 4.49
C ARG B 204 -1.61 7.11 3.70
N GLN B 205 -1.54 8.30 4.26
CA GLN B 205 -0.85 9.42 3.62
C GLN B 205 0.60 9.09 3.32
N LEU B 206 1.26 8.37 4.22
CA LEU B 206 2.66 8.09 4.04
C LEU B 206 2.87 6.97 3.09
N LYS B 207 1.77 6.33 2.70
CA LYS B 207 1.81 5.18 1.83
C LYS B 207 1.06 5.37 0.48
N GLY B 208 1.06 6.61 -0.05
CA GLY B 208 0.57 6.96 -1.39
C GLY B 208 -0.94 7.15 -1.53
N TYR B 209 -1.60 7.52 -0.46
CA TYR B 209 -3.05 7.54 -0.44
C TYR B 209 -3.50 8.74 -1.18
N LYS B 210 -2.92 9.89 -0.89
CA LYS B 210 -3.26 11.08 -1.63
C LYS B 210 -2.95 10.88 -3.10
N GLU B 211 -2.05 9.94 -3.44
CA GLU B 211 -1.62 9.79 -4.85
C GLU B 211 -2.30 8.62 -5.63
N GLY B 212 -3.11 7.80 -4.99
CA GLY B 212 -3.84 6.77 -5.69
C GLY B 212 -3.14 5.43 -5.80
N VAL B 213 -2.19 5.15 -4.91
CA VAL B 213 -1.27 4.01 -5.05
C VAL B 213 -1.11 3.16 -3.76
N TYR B 214 -2.03 3.33 -2.83
CA TYR B 214 -2.05 2.55 -1.63
C TYR B 214 -2.65 1.14 -1.76
N VAL B 215 -1.95 0.17 -1.20
CA VAL B 215 -2.51 -1.17 -0.92
C VAL B 215 -3.45 -1.16 0.30
N LYS B 216 -4.71 -1.38 -0.03
CA LYS B 216 -5.74 -1.24 0.95
C LYS B 216 -6.26 -2.57 1.35
N VAL B 217 -6.62 -3.42 0.39
CA VAL B 217 -7.16 -4.72 0.71
C VAL B 217 -6.05 -5.68 0.49
N ARG B 218 -5.85 -6.59 1.40
CA ARG B 218 -4.89 -7.63 1.16
C ARG B 218 -5.43 -8.98 1.53
N GLU B 219 -5.46 -9.81 0.50
CA GLU B 219 -6.17 -11.04 0.52
C GLU B 219 -7.38 -11.01 1.37
N GLY B 220 -8.38 -10.29 0.88
CA GLY B 220 -9.71 -10.40 1.43
C GLY B 220 -9.94 -9.23 2.29
N VAL B 221 -8.94 -8.90 3.09
CA VAL B 221 -9.09 -8.04 4.23
C VAL B 221 -8.64 -6.60 3.96
N GLU B 222 -9.56 -5.69 4.28
CA GLU B 222 -9.39 -4.27 4.13
C GLU B 222 -8.72 -3.73 5.35
N ASP B 223 -7.92 -2.71 5.09
CA ASP B 223 -7.34 -1.73 6.03
C ASP B 223 -7.80 -1.75 7.42
N ASN B 224 -9.01 -1.18 7.56
CA ASN B 224 -9.68 -0.93 8.81
C ASN B 224 -9.85 -2.15 9.60
N GLU B 225 -10.07 -3.29 8.97
CA GLU B 225 -10.31 -4.54 9.75
C GLU B 225 -9.18 -4.84 10.77
N LEU B 226 -7.96 -4.59 10.34
CA LEU B 226 -6.80 -4.59 11.21
C LEU B 226 -7.09 -3.77 12.48
N LEU B 227 -7.67 -2.58 12.37
CA LEU B 227 -7.94 -1.74 13.58
C LEU B 227 -8.69 -2.36 14.77
N HIS B 228 -9.28 -3.54 14.65
CA HIS B 228 -10.10 -4.06 15.74
C HIS B 228 -9.22 -4.64 16.85
N GLU B 229 -8.32 -5.54 16.45
CA GLU B 229 -7.54 -6.31 17.40
C GLU B 229 -6.61 -5.36 18.11
N CYS B 230 -6.24 -4.32 17.40
CA CYS B 230 -5.48 -3.22 17.98
C CYS B 230 -6.14 -2.58 19.17
N VAL B 231 -7.32 -1.98 19.01
CA VAL B 231 -7.94 -1.26 20.12
C VAL B 231 -8.38 -2.18 21.27
N GLN B 232 -8.82 -3.39 20.93
CA GLN B 232 -9.24 -4.38 21.93
C GLN B 232 -8.05 -4.88 22.81
N SER B 233 -6.81 -4.55 22.43
CA SER B 233 -5.60 -4.81 23.23
C SER B 233 -5.51 -4.00 24.53
N VAL B 234 -6.19 -2.84 24.58
CA VAL B 234 -6.27 -1.98 25.77
C VAL B 234 -7.72 -1.86 26.18
N SER B 235 -7.95 -1.36 27.39
CA SER B 235 -9.29 -1.17 27.95
C SER B 235 -9.93 0.19 27.62
N VAL B 236 -11.22 0.30 27.87
CA VAL B 236 -12.00 1.53 27.68
C VAL B 236 -11.67 2.47 28.82
N GLU B 237 -11.70 1.86 30.00
CA GLU B 237 -11.33 2.50 31.26
C GLU B 237 -9.99 3.20 31.02
N ASP B 238 -9.07 2.47 30.39
CA ASP B 238 -7.69 2.93 30.18
C ASP B 238 -7.65 4.14 29.27
N VAL B 239 -8.43 4.16 28.19
CA VAL B 239 -8.37 5.26 27.21
C VAL B 239 -9.06 6.52 27.70
N LEU B 240 -9.80 6.40 28.80
CA LEU B 240 -10.57 7.54 29.35
C LEU B 240 -10.11 8.07 30.70
N ASN B 241 -9.10 7.43 31.30
CA ASN B 241 -8.57 7.84 32.59
C ASN B 241 -7.85 9.17 32.42
N GLU B 242 -8.07 10.14 33.31
CA GLU B 242 -7.43 11.45 33.11
C GLU B 242 -5.90 11.51 33.32
N GLY B 243 -5.27 10.39 33.69
CA GLY B 243 -3.82 10.32 33.91
C GLY B 243 -3.19 9.36 32.89
N THR B 244 -3.38 8.07 33.10
CA THR B 244 -3.15 7.07 32.07
C THR B 244 -3.44 7.44 30.57
N TYR B 245 -4.65 7.89 30.27
CA TYR B 245 -5.16 7.79 28.91
C TYR B 245 -4.16 8.04 27.78
N LEU B 246 -3.37 9.07 27.89
CA LEU B 246 -2.40 9.35 26.84
C LEU B 246 -1.33 8.25 26.67
N LYS B 247 -1.21 7.40 27.66
CA LYS B 247 -0.29 6.27 27.61
C LYS B 247 -0.93 5.16 26.77
N ALA B 248 -2.19 4.88 27.06
CA ALA B 248 -3.02 3.91 26.33
C ALA B 248 -3.37 4.26 24.87
N TRP B 249 -3.46 5.55 24.56
CA TRP B 249 -3.57 6.01 23.19
C TRP B 249 -2.26 5.82 22.47
N GLU B 250 -1.15 6.09 23.16
CA GLU B 250 0.14 5.86 22.58
C GLU B 250 0.28 4.39 22.39
N LYS B 251 -0.46 3.57 23.15
CA LYS B 251 -0.38 2.12 22.97
C LYS B 251 -1.05 1.77 21.64
N ILE B 252 -2.28 2.23 21.46
CA ILE B 252 -3.04 1.93 20.24
C ILE B 252 -2.30 2.38 19.03
N ALA B 253 -1.90 3.65 19.00
CA ALA B 253 -1.10 4.24 17.93
C ALA B 253 -0.03 3.28 17.52
N CYS B 254 0.56 2.66 18.51
CA CYS B 254 1.76 1.92 18.26
C CYS B 254 1.44 0.58 17.65
N SER B 255 0.28 0.04 18.04
CA SER B 255 -0.22 -1.25 17.54
C SER B 255 -0.50 -1.25 16.03
N VAL B 256 -1.03 -0.12 15.59
CA VAL B 256 -1.47 0.07 14.22
C VAL B 256 -0.28 0.23 13.29
N PHE B 257 0.72 0.96 13.78
CA PHE B 257 2.00 1.19 13.10
C PHE B 257 2.81 -0.11 12.89
N ASP B 258 2.70 -0.99 13.90
CA ASP B 258 3.31 -2.32 13.93
C ASP B 258 2.60 -3.16 12.92
N ALA B 259 1.29 -3.04 12.84
CA ALA B 259 0.55 -3.74 11.80
C ALA B 259 1.12 -3.39 10.43
N PHE B 260 1.30 -2.09 10.16
CA PHE B 260 1.78 -1.62 8.85
C PHE B 260 3.29 -1.53 8.78
N GLY B 261 3.94 -2.11 9.79
CA GLY B 261 5.39 -2.27 9.86
C GLY B 261 6.15 -1.00 9.52
N MET B 262 6.13 -0.03 10.44
CA MET B 262 6.55 1.33 10.06
C MET B 262 7.84 1.68 10.77
N PRO B 263 8.71 2.44 10.11
CA PRO B 263 9.92 2.92 10.76
C PRO B 263 9.60 4.00 11.80
N GLU B 264 10.46 4.06 12.81
CA GLU B 264 10.27 4.97 13.95
C GLU B 264 10.09 6.44 13.57
N GLU B 265 10.76 6.83 12.49
CA GLU B 265 10.81 8.21 11.98
C GLU B 265 9.46 8.69 11.45
N GLU B 266 8.68 7.78 10.90
CA GLU B 266 7.35 8.09 10.38
C GLU B 266 6.21 8.09 11.46
N ARG B 267 6.54 7.60 12.65
CA ARG B 267 5.66 7.65 13.81
C ARG B 267 5.84 8.94 14.62
N ARG B 268 6.89 9.71 14.30
CA ARG B 268 7.14 10.99 14.98
C ARG B 268 5.99 12.02 14.88
N HIS B 269 5.33 12.18 13.74
CA HIS B 269 4.23 13.13 13.79
C HIS B 269 3.18 12.65 14.78
N ALA B 270 2.81 11.37 14.78
CA ALA B 270 1.78 10.90 15.72
C ALA B 270 2.24 10.86 17.19
N TYR B 271 3.45 10.37 17.45
CA TYR B 271 3.90 10.28 18.84
C TYR B 271 4.12 11.67 19.41
N ASP B 272 4.43 12.68 18.57
CA ASP B 272 4.62 14.09 19.02
C ASP B 272 3.31 14.82 19.27
N TRP B 273 2.26 14.45 18.58
CA TRP B 273 0.99 15.09 18.79
C TRP B 273 0.31 14.49 19.98
N LEU B 274 0.62 13.23 20.27
CA LEU B 274 0.09 12.51 21.43
C LEU B 274 0.76 12.98 22.70
N LYS B 275 1.95 13.54 22.59
CA LYS B 275 2.66 14.08 23.77
C LYS B 275 2.07 15.47 24.09
N SER B 276 2.21 16.35 23.11
CA SER B 276 1.66 17.72 23.13
C SER B 276 0.19 17.79 23.52
N ALA B 277 -0.50 16.66 23.52
CA ALA B 277 -1.93 16.67 23.73
C ALA B 277 -2.32 16.90 25.17
N ALA B 278 -1.33 17.20 26.01
CA ALA B 278 -1.47 17.33 27.48
C ALA B 278 -1.49 18.77 27.98
N LEU B 279 -1.50 19.04 29.18
N PRO C 11 49.93 3.97 9.36
CA PRO C 11 50.32 3.47 10.73
C PRO C 11 50.64 1.97 10.74
N ALA C 12 51.55 1.52 11.58
CA ALA C 12 52.09 0.17 11.42
C ALA C 12 51.63 -0.82 12.49
N ARG C 13 52.20 -0.69 13.69
CA ARG C 13 51.84 -1.47 14.89
C ARG C 13 50.36 -1.41 15.17
N VAL C 14 49.69 -0.43 14.58
CA VAL C 14 48.25 -0.36 14.65
C VAL C 14 47.68 -1.58 13.93
N LEU C 15 47.91 -1.63 12.63
CA LEU C 15 47.56 -2.81 11.87
C LEU C 15 47.81 -4.12 12.65
N ASN C 16 49.04 -4.30 13.14
CA ASN C 16 49.44 -5.50 13.87
C ASN C 16 48.61 -5.69 15.15
N SER C 17 48.23 -4.56 15.75
CA SER C 17 47.48 -4.53 17.02
C SER C 17 45.97 -4.82 16.84
N LEU C 18 45.44 -4.54 15.65
CA LEU C 18 44.06 -4.84 15.29
C LEU C 18 43.92 -6.36 15.11
N ALA C 19 44.89 -6.95 14.41
CA ALA C 19 44.97 -8.39 14.16
C ALA C 19 45.12 -9.22 15.46
N HIS C 20 45.71 -8.64 16.48
CA HIS C 20 45.63 -9.23 17.82
C HIS C 20 44.21 -9.05 18.36
N LEU C 21 43.79 -7.79 18.42
CA LEU C 21 42.50 -7.38 18.94
C LEU C 21 41.35 -8.16 18.30
N GLN C 22 41.59 -8.71 17.12
CA GLN C 22 40.58 -9.49 16.39
C GLN C 22 40.62 -10.97 16.73
N ASP C 23 41.77 -11.63 16.63
CA ASP C 23 41.81 -13.06 16.97
C ASP C 23 41.31 -13.30 18.39
N GLY C 24 41.47 -12.31 19.25
CA GLY C 24 40.97 -12.38 20.62
C GLY C 24 39.45 -12.35 20.70
N LEU C 25 38.85 -11.53 19.85
CA LEU C 25 37.41 -11.56 19.64
C LEU C 25 37.00 -12.97 19.16
N ASN C 26 37.55 -13.41 18.04
CA ASN C 26 37.20 -14.69 17.43
C ASN C 26 37.16 -15.87 18.42
N ILE C 27 38.11 -15.88 19.37
CA ILE C 27 38.23 -16.88 20.47
C ILE C 27 37.03 -16.91 21.41
N PHE C 28 36.62 -15.71 21.78
CA PHE C 28 35.45 -15.45 22.62
C PHE C 28 34.16 -15.99 22.03
N MET C 29 34.19 -16.26 20.72
CA MET C 29 33.14 -16.99 20.03
C MET C 29 33.52 -18.48 20.01
N ASP C 30 34.72 -18.79 19.50
CA ASP C 30 35.28 -20.14 19.41
C ASP C 30 36.79 -19.99 19.59
N PRO C 31 37.38 -20.56 20.65
CA PRO C 31 38.86 -20.55 20.82
C PRO C 31 39.57 -21.48 19.82
N ASP C 32 38.98 -22.67 19.68
CA ASP C 32 39.11 -23.55 18.54
C ASP C 32 39.36 -22.83 17.15
N TRP C 33 38.83 -21.60 16.94
CA TRP C 33 38.68 -21.02 15.56
C TRP C 33 39.88 -21.18 14.63
N ARG C 34 41.05 -20.69 15.03
CA ARG C 34 42.20 -20.78 14.15
C ARG C 34 42.17 -22.12 13.35
N GLN C 35 41.82 -23.20 14.07
CA GLN C 35 41.72 -24.54 13.50
C GLN C 35 40.31 -24.91 13.07
N ILE C 36 39.30 -24.65 13.91
CA ILE C 36 37.88 -24.99 13.55
C ILE C 36 37.22 -24.01 12.52
N ARG C 37 37.92 -22.97 12.11
CA ARG C 37 37.48 -22.08 11.07
C ARG C 37 38.24 -22.43 9.81
N HIS C 38 37.74 -22.01 8.67
CA HIS C 38 38.42 -22.27 7.42
C HIS C 38 38.43 -21.01 6.50
N VAL C 39 39.48 -20.84 5.68
CA VAL C 39 39.61 -19.64 4.80
C VAL C 39 38.28 -19.18 4.18
N ASP C 40 37.47 -20.15 3.74
CA ASP C 40 36.20 -19.89 2.98
C ASP C 40 35.06 -19.29 3.80
N ASP C 41 34.99 -19.67 5.07
CA ASP C 41 34.05 -19.06 6.00
C ASP C 41 34.22 -17.55 5.87
N TRP C 42 35.44 -17.07 6.00
CA TRP C 42 35.70 -15.65 6.06
C TRP C 42 35.34 -14.95 4.79
N ALA C 43 35.56 -15.59 3.65
CA ALA C 43 35.24 -14.98 2.33
C ALA C 43 33.74 -14.81 2.14
N LEU C 44 32.97 -15.83 2.55
CA LEU C 44 31.51 -15.78 2.57
C LEU C 44 31.13 -14.52 3.30
N ALA C 45 31.51 -14.48 4.57
CA ALA C 45 31.23 -13.36 5.45
C ALA C 45 31.53 -12.01 4.81
N ILE C 46 32.64 -11.89 4.10
CA ILE C 46 33.04 -10.61 3.51
C ILE C 46 32.07 -10.25 2.45
N THR C 47 31.69 -11.26 1.65
CA THR C 47 30.71 -11.13 0.58
C THR C 47 29.33 -10.73 1.14
N MET C 48 28.87 -11.43 2.19
CA MET C 48 27.57 -11.12 2.78
C MET C 48 27.45 -9.69 3.34
N GLU C 49 28.48 -9.18 4.02
CA GLU C 49 28.50 -7.77 4.48
C GLU C 49 28.94 -6.79 3.32
N SER C 50 29.53 -7.27 2.25
CA SER C 50 29.67 -6.38 1.09
C SER C 50 28.29 -6.15 0.46
N ALA C 51 27.50 -7.23 0.37
CA ALA C 51 26.12 -7.14 -0.11
C ALA C 51 25.38 -6.12 0.70
N GLU C 52 25.43 -6.26 2.00
CA GLU C 52 24.72 -5.36 2.89
C GLU C 52 25.13 -3.88 2.73
N LEU C 53 26.42 -3.61 2.51
CA LEU C 53 26.87 -2.22 2.30
C LEU C 53 26.32 -1.62 1.00
N ILE C 54 26.24 -2.42 -0.07
CA ILE C 54 25.76 -1.95 -1.37
C ILE C 54 24.31 -1.58 -1.18
N ASP C 55 23.61 -2.35 -0.35
CA ASP C 55 22.20 -2.13 -0.10
C ASP C 55 22.01 -0.84 0.65
N SER C 56 23.06 -0.33 1.27
CA SER C 56 23.00 0.95 1.96
C SER C 56 22.84 2.13 1.01
N TYR C 57 23.03 1.89 -0.29
CA TYR C 57 23.00 2.92 -1.32
C TYR C 57 21.76 2.68 -2.15
N PRO C 58 21.31 3.69 -2.92
CA PRO C 58 20.17 3.54 -3.82
C PRO C 58 20.67 3.08 -5.19
N TRP C 59 20.73 1.76 -5.35
CA TRP C 59 21.24 1.13 -6.57
C TRP C 59 20.14 0.47 -7.38
N LYS C 60 19.00 0.21 -6.73
CA LYS C 60 17.86 -0.44 -7.37
C LYS C 60 17.24 0.63 -8.19
N TRP C 61 17.21 0.41 -9.49
CA TRP C 61 16.50 1.27 -10.42
C TRP C 61 14.97 1.17 -10.38
N TRP C 62 14.41 0.29 -9.60
CA TRP C 62 12.98 0.13 -9.59
C TRP C 62 12.33 0.31 -8.22
N LYS C 63 13.12 0.52 -7.18
CA LYS C 63 12.56 0.62 -5.85
C LYS C 63 13.15 1.82 -5.23
N ASN C 64 12.29 2.71 -4.75
CA ASN C 64 12.65 3.83 -3.88
C ASN C 64 13.83 4.61 -4.41
N VAL C 65 13.65 5.02 -5.65
CA VAL C 65 14.72 5.51 -6.49
C VAL C 65 15.18 6.90 -6.08
N LYS C 66 14.39 7.54 -5.24
CA LYS C 66 14.68 8.89 -4.78
C LYS C 66 15.29 8.92 -3.37
N ALA C 67 15.72 7.78 -2.89
CA ALA C 67 16.22 7.66 -1.54
C ALA C 67 17.65 8.13 -1.36
N GLN C 68 17.92 8.73 -0.22
CA GLN C 68 19.26 9.20 0.06
C GLN C 68 20.10 8.07 0.61
N THR C 69 21.39 8.07 0.25
CA THR C 69 22.29 6.99 0.64
C THR C 69 22.64 7.07 2.12
N ASP C 70 22.66 5.92 2.78
CA ASP C 70 22.86 5.79 4.23
C ASP C 70 24.35 5.79 4.70
N MET C 71 24.97 6.97 4.76
CA MET C 71 26.41 7.03 4.94
C MET C 71 26.88 6.61 6.31
N HIS C 72 26.05 6.82 7.32
CA HIS C 72 26.35 6.36 8.67
C HIS C 72 26.33 4.83 8.73
N ASN C 73 25.44 4.15 8.03
CA ASN C 73 25.52 2.70 8.03
C ASN C 73 26.67 2.19 7.18
N VAL C 74 27.10 2.98 6.20
CA VAL C 74 28.15 2.52 5.31
C VAL C 74 29.41 2.31 6.11
N ARG C 75 29.62 3.17 7.08
CA ARG C 75 30.82 3.06 7.90
C ARG C 75 30.85 1.81 8.78
N ILE C 76 29.74 1.47 9.44
CA ILE C 76 29.76 0.32 10.33
C ILE C 76 29.87 -0.90 9.45
N GLU C 77 29.41 -0.82 8.21
CA GLU C 77 29.57 -1.96 7.32
C GLU C 77 31.06 -2.12 6.90
N ILE C 78 31.74 -1.02 6.58
CA ILE C 78 33.17 -1.08 6.24
C ILE C 78 34.01 -1.64 7.42
N ALA C 79 33.52 -1.40 8.62
CA ALA C 79 34.16 -1.90 9.81
C ALA C 79 33.80 -3.34 10.04
N ASP C 80 32.58 -3.73 9.70
CA ASP C 80 32.18 -5.14 9.73
C ASP C 80 33.11 -5.99 8.85
N ILE C 81 33.38 -5.50 7.64
CA ILE C 81 34.21 -6.18 6.65
C ILE C 81 35.63 -6.30 7.17
N LEU C 82 36.10 -5.26 7.83
CA LEU C 82 37.45 -5.29 8.36
C LEU C 82 37.65 -6.40 9.36
N HIS C 83 36.68 -6.56 10.27
CA HIS C 83 36.71 -7.66 11.24
C HIS C 83 37.11 -8.93 10.54
N PHE C 84 36.35 -9.22 9.49
CA PHE C 84 36.47 -10.44 8.79
C PHE C 84 37.71 -10.53 7.92
N SER C 85 38.17 -9.42 7.35
CA SER C 85 39.38 -9.48 6.52
C SER C 85 40.64 -9.64 7.39
N LEU C 86 40.66 -8.95 8.53
CA LEU C 86 41.66 -9.18 9.59
C LEU C 86 41.53 -10.55 10.15
N SER C 87 40.38 -11.16 9.97
CA SER C 87 40.17 -12.52 10.39
C SER C 87 40.65 -13.53 9.34
N GLY C 88 40.69 -13.14 8.06
CA GLY C 88 41.14 -13.97 6.96
C GLY C 88 42.66 -14.02 6.83
N GLU C 89 43.33 -12.90 7.04
CA GLU C 89 44.81 -12.83 6.97
C GLU C 89 45.49 -13.72 8.02
N ILE C 90 44.91 -13.72 9.22
CA ILE C 90 45.28 -14.57 10.36
C ILE C 90 44.90 -16.07 10.15
N GLN C 91 43.90 -16.32 9.30
CA GLN C 91 43.49 -17.66 8.89
C GLN C 91 44.43 -18.29 7.88
N LYS C 92 45.27 -17.49 7.21
CA LYS C 92 46.27 -18.00 6.27
C LYS C 92 47.59 -18.42 6.95
N ARG C 93 47.49 -19.35 7.90
CA ARG C 93 48.59 -19.79 8.74
C ARG C 93 48.48 -21.29 9.03
N ALA C 104 48.77 -14.83 -8.27
CA ALA C 104 47.73 -15.56 -8.97
C ALA C 104 46.49 -14.70 -9.31
N LEU C 105 46.51 -13.39 -9.00
CA LEU C 105 45.33 -12.49 -9.20
C LEU C 105 45.18 -11.85 -10.60
N LYS C 106 46.17 -11.01 -10.92
CA LYS C 106 46.29 -10.11 -12.08
C LYS C 106 45.96 -10.66 -13.50
N SER C 107 46.23 -11.95 -13.73
CA SER C 107 45.73 -12.66 -14.92
C SER C 107 44.19 -12.45 -15.05
N LEU C 108 43.50 -12.56 -13.92
CA LEU C 108 42.07 -12.24 -13.82
C LEU C 108 41.65 -10.81 -14.20
N LYS C 109 42.58 -9.86 -14.07
CA LYS C 109 42.32 -8.46 -14.39
C LYS C 109 42.15 -8.17 -15.91
N GLU C 110 42.64 -9.07 -16.76
CA GLU C 110 42.34 -9.00 -18.18
C GLU C 110 41.24 -10.00 -18.52
N MET C 111 41.21 -11.10 -17.77
CA MET C 111 40.24 -12.20 -17.89
C MET C 111 38.74 -11.78 -17.85
N GLY C 112 38.43 -10.59 -17.35
CA GLY C 112 37.06 -10.09 -17.41
C GLY C 112 36.32 -10.51 -16.16
N PHE C 113 36.97 -10.14 -15.06
CA PHE C 113 36.74 -10.65 -13.71
C PHE C 113 36.18 -9.43 -12.96
N PHE C 114 37.00 -8.38 -12.93
CA PHE C 114 36.71 -7.14 -12.22
C PHE C 114 35.95 -6.19 -13.09
N CYS C 115 35.38 -5.19 -12.44
CA CYS C 115 34.41 -4.31 -13.07
C CYS C 115 34.62 -2.83 -12.75
N ARG C 116 34.14 -1.99 -13.66
CA ARG C 116 34.36 -0.56 -13.61
C ARG C 116 33.04 0.09 -13.80
N PRO C 117 32.89 1.33 -13.39
CA PRO C 117 31.67 2.08 -13.71
C PRO C 117 31.60 2.67 -15.16
N PRO C 118 30.40 2.81 -15.73
CA PRO C 118 30.24 3.22 -17.14
C PRO C 118 30.89 4.54 -17.50
N ASP C 140 49.02 -1.02 -6.26
CA ASP C 140 48.54 -0.58 -7.57
C ASP C 140 47.43 -1.49 -8.09
N GLU C 141 47.70 -2.78 -8.06
CA GLU C 141 46.74 -3.78 -8.52
C GLU C 141 45.43 -3.75 -7.68
N LEU C 142 45.58 -3.43 -6.40
CA LEU C 142 44.43 -3.08 -5.54
C LEU C 142 43.74 -1.77 -6.00
N LEU C 143 44.55 -0.74 -6.30
CA LEU C 143 44.04 0.62 -6.50
C LEU C 143 43.41 0.82 -7.88
N GLU C 144 43.60 -0.13 -8.78
CA GLU C 144 42.97 -0.09 -10.10
C GLU C 144 41.48 -0.55 -9.98
N LEU C 145 41.24 -1.44 -9.00
CA LEU C 145 39.92 -1.95 -8.67
C LEU C 145 39.04 -0.92 -7.98
N MET C 146 39.65 0.03 -7.29
CA MET C 146 38.92 1.03 -6.52
C MET C 146 38.47 2.19 -7.39
N PHE C 147 37.41 2.86 -6.94
CA PHE C 147 36.86 4.01 -7.67
C PHE C 147 36.22 5.00 -6.70
N PHE C 148 36.66 6.25 -6.76
CA PHE C 148 36.31 7.29 -5.81
C PHE C 148 35.74 8.52 -6.54
N PRO C 149 34.79 9.22 -5.95
CA PRO C 149 34.45 9.13 -4.52
C PRO C 149 33.47 8.02 -4.19
N LEU C 150 33.67 7.26 -3.10
CA LEU C 150 32.72 6.24 -2.65
C LEU C 150 31.44 6.89 -2.21
N THR C 151 31.39 8.20 -2.39
CA THR C 151 30.19 8.99 -2.22
C THR C 151 29.09 8.76 -3.27
N GLU C 152 29.46 8.52 -4.53
CA GLU C 152 28.48 8.31 -5.62
C GLU C 152 28.35 6.80 -5.86
N VAL C 153 27.13 6.36 -6.19
CA VAL C 153 26.74 4.94 -6.25
C VAL C 153 27.56 4.16 -7.26
N ALA C 154 27.66 4.70 -8.47
CA ALA C 154 28.30 3.99 -9.56
C ALA C 154 29.55 3.40 -9.01
N SER C 155 30.34 4.27 -8.39
CA SER C 155 31.66 3.97 -7.89
C SER C 155 31.71 3.05 -6.69
N ALA C 156 30.72 3.10 -5.80
CA ALA C 156 30.74 2.28 -4.58
C ALA C 156 30.24 0.87 -4.83
N VAL C 157 29.45 0.73 -5.89
CA VAL C 157 28.90 -0.54 -6.33
C VAL C 157 29.97 -1.35 -7.03
N ALA C 158 30.82 -0.69 -7.83
CA ALA C 158 31.96 -1.37 -8.47
C ALA C 158 33.00 -1.69 -7.40
N THR C 159 33.37 -0.68 -6.61
CA THR C 159 34.36 -0.87 -5.58
C THR C 159 34.05 -2.09 -4.71
N PHE C 160 32.82 -2.26 -4.25
CA PHE C 160 32.53 -3.37 -3.33
C PHE C 160 32.06 -4.65 -4.00
N ARG C 161 31.72 -4.58 -5.30
CA ARG C 161 31.56 -5.76 -6.16
C ARG C 161 32.95 -6.38 -6.36
N ASN C 162 33.98 -5.53 -6.21
CA ASN C 162 35.38 -5.89 -6.40
C ASN C 162 36.00 -6.40 -5.10
N ILE C 163 35.70 -5.76 -3.98
CA ILE C 163 36.05 -6.33 -2.68
C ILE C 163 35.54 -7.77 -2.59
N ILE C 164 34.33 -8.02 -3.09
CA ILE C 164 33.75 -9.37 -3.20
C ILE C 164 34.57 -10.26 -4.09
N GLN C 165 34.82 -9.76 -5.31
CA GLN C 165 35.62 -10.53 -6.26
C GLN C 165 37.06 -10.71 -5.78
N LEU C 166 37.52 -9.84 -4.87
CA LEU C 166 38.81 -10.02 -4.21
C LEU C 166 38.71 -11.14 -3.19
N ALA C 167 37.64 -11.14 -2.40
CA ALA C 167 37.45 -12.13 -1.35
C ALA C 167 37.32 -13.56 -1.87
N SER C 168 36.81 -13.70 -3.08
CA SER C 168 36.67 -15.02 -3.68
C SER C 168 38.07 -15.61 -3.99
N ILE C 169 38.96 -14.78 -4.56
CA ILE C 169 40.38 -15.15 -4.75
C ILE C 169 41.20 -15.01 -3.47
N TYR C 170 40.55 -15.23 -2.32
CA TYR C 170 41.19 -15.35 -0.99
C TYR C 170 42.31 -14.30 -0.70
N ARG C 171 42.18 -13.12 -1.29
CA ARG C 171 43.13 -12.03 -1.12
C ARG C 171 42.66 -11.08 -0.01
N PHE C 172 42.54 -11.63 1.19
CA PHE C 172 42.08 -10.88 2.37
C PHE C 172 43.01 -9.73 2.78
N ASP C 173 44.24 -9.78 2.27
CA ASP C 173 45.24 -8.75 2.47
C ASP C 173 44.90 -7.49 1.66
N LEU C 174 44.51 -7.66 0.40
CA LEU C 174 44.09 -6.54 -0.45
C LEU C 174 42.76 -5.93 0.03
N ILE C 175 41.86 -6.78 0.53
CA ILE C 175 40.60 -6.29 1.08
C ILE C 175 40.86 -5.25 2.19
N THR C 176 41.54 -5.68 3.26
CA THR C 176 41.88 -4.80 4.40
C THR C 176 42.40 -3.47 3.91
N LYS C 177 43.51 -3.53 3.17
CA LYS C 177 44.16 -2.37 2.61
C LYS C 177 43.12 -1.50 1.89
N GLY C 178 42.18 -2.15 1.23
CA GLY C 178 41.15 -1.48 0.44
C GLY C 178 40.19 -0.64 1.25
N LEU C 179 39.55 -1.30 2.21
CA LEU C 179 38.68 -0.67 3.19
C LEU C 179 39.23 0.61 3.81
N LEU C 180 40.55 0.67 3.98
CA LEU C 180 41.24 1.80 4.61
C LEU C 180 41.42 2.97 3.65
N LEU C 181 41.61 2.70 2.36
CA LEU C 181 41.65 3.76 1.36
C LEU C 181 40.27 4.35 1.25
N ALA C 182 39.27 3.50 1.54
CA ALA C 182 37.86 3.87 1.53
C ALA C 182 37.54 4.88 2.63
N ALA C 183 38.08 4.62 3.80
CA ALA C 183 37.90 5.49 4.97
C ALA C 183 38.58 6.85 4.86
N GLN C 184 39.59 6.95 4.00
CA GLN C 184 40.24 8.24 3.74
C GLN C 184 39.47 9.06 2.72
N ASP C 185 38.78 8.39 1.82
CA ASP C 185 37.95 9.10 0.87
C ASP C 185 36.65 9.57 1.54
N LEU C 186 35.90 8.61 2.07
CA LEU C 186 34.69 8.87 2.87
C LEU C 186 35.03 9.51 4.23
N ASP C 187 36.30 9.78 4.46
CA ASP C 187 36.73 10.68 5.53
C ASP C 187 36.04 10.46 6.88
N PHE C 188 36.16 9.23 7.34
CA PHE C 188 35.79 8.78 8.70
C PHE C 188 36.96 8.04 9.40
N ASN C 189 36.87 8.01 10.73
CA ASN C 189 37.77 7.28 11.59
C ASN C 189 37.51 5.76 11.51
N LEU C 190 38.10 5.05 10.55
CA LEU C 190 37.85 3.60 10.45
C LEU C 190 38.25 2.94 11.76
N VAL C 191 39.37 3.39 12.32
CA VAL C 191 39.94 2.66 13.43
C VAL C 191 39.02 2.70 14.67
N GLY C 192 38.53 3.89 15.01
CA GLY C 192 37.57 3.99 16.08
C GLY C 192 36.39 3.03 15.95
N TYR C 193 35.73 3.05 14.78
CA TYR C 193 34.60 2.15 14.48
C TYR C 193 34.99 0.66 14.64
N TYR C 194 36.26 0.29 14.39
CA TYR C 194 36.65 -1.12 14.57
C TYR C 194 36.60 -1.45 16.04
N VAL C 195 37.12 -0.52 16.83
CA VAL C 195 37.18 -0.69 18.27
C VAL C 195 35.81 -0.47 18.89
N ALA C 196 34.89 0.16 18.16
CA ALA C 196 33.51 0.38 18.60
C ALA C 196 32.62 -0.86 18.38
N LYS C 197 32.49 -1.26 17.10
CA LYS C 197 31.85 -2.51 16.73
C LYS C 197 32.45 -3.70 17.46
N TYR C 198 33.74 -3.64 17.79
CA TYR C 198 34.47 -4.73 18.49
C TYR C 198 33.81 -5.08 19.81
N THR C 199 33.74 -4.06 20.65
CA THR C 199 33.32 -4.24 22.03
C THR C 199 31.81 -4.30 22.10
N LEU C 200 31.18 -4.19 20.95
CA LEU C 200 29.76 -4.48 20.80
C LEU C 200 29.59 -5.89 20.30
N ASN C 201 30.49 -6.32 19.41
CA ASN C 201 30.49 -7.68 18.89
C ASN C 201 30.56 -8.61 20.11
N GLN C 202 31.30 -8.13 21.13
CA GLN C 202 31.38 -8.77 22.44
C GLN C 202 30.11 -8.69 23.32
N ILE C 203 29.64 -7.47 23.62
CA ILE C 203 28.46 -7.34 24.52
C ILE C 203 27.34 -8.26 24.01
N ARG C 204 27.26 -8.37 22.67
CA ARG C 204 26.32 -9.23 21.98
C ARG C 204 26.35 -10.67 22.45
N GLN C 205 27.56 -11.26 22.52
CA GLN C 205 27.74 -12.65 22.94
C GLN C 205 27.28 -12.87 24.36
N LEU C 206 27.66 -11.95 25.25
CA LEU C 206 27.31 -12.02 26.67
C LEU C 206 25.85 -11.58 26.93
N LYS C 207 25.13 -11.30 25.85
CA LYS C 207 23.70 -11.03 25.86
C LYS C 207 22.94 -12.21 25.23
N GLY C 208 23.70 -13.22 24.80
CA GLY C 208 23.15 -14.40 24.14
C GLY C 208 22.66 -14.21 22.71
N TYR C 209 23.51 -13.62 21.87
CA TYR C 209 23.27 -13.50 20.42
C TYR C 209 23.26 -14.89 19.81
N LYS C 210 24.41 -15.55 19.93
CA LYS C 210 24.70 -16.85 19.31
C LYS C 210 23.55 -17.78 19.54
N GLU C 211 22.92 -17.60 20.69
CA GLU C 211 21.86 -18.49 21.15
C GLU C 211 20.59 -18.21 20.36
N GLY C 212 20.23 -16.94 20.25
CA GLY C 212 19.07 -16.49 19.51
C GLY C 212 18.24 -15.40 20.16
N VAL C 213 18.23 -15.34 21.50
CA VAL C 213 17.37 -14.42 22.30
C VAL C 213 17.57 -12.89 22.16
N TYR C 214 18.68 -12.47 21.58
CA TYR C 214 19.19 -11.09 21.65
C TYR C 214 18.31 -10.00 21.04
N VAL C 215 17.89 -9.04 21.87
CA VAL C 215 17.26 -7.80 21.39
C VAL C 215 18.34 -7.00 20.62
N LYS C 216 18.15 -6.91 19.31
CA LYS C 216 19.07 -6.23 18.39
C LYS C 216 18.54 -4.85 17.97
N VAL C 217 17.20 -4.73 18.00
CA VAL C 217 16.46 -3.54 17.57
C VAL C 217 15.54 -3.17 18.73
N ARG C 218 15.80 -2.05 19.41
CA ARG C 218 15.10 -1.75 20.67
C ARG C 218 13.93 -0.79 20.55
N GLU C 219 14.17 0.51 20.39
CA GLU C 219 13.05 1.42 20.15
C GLU C 219 12.63 1.20 18.68
N GLY C 220 13.14 2.03 17.78
CA GLY C 220 13.19 1.67 16.37
C GLY C 220 14.64 1.51 15.97
N VAL C 221 15.54 1.62 16.94
CA VAL C 221 16.99 1.75 16.73
C VAL C 221 17.74 0.39 16.84
N GLU C 222 18.73 0.20 15.98
CA GLU C 222 19.54 -1.01 15.98
C GLU C 222 20.81 -0.73 16.80
N ASP C 223 21.47 -1.79 17.25
CA ASP C 223 22.80 -1.75 17.88
C ASP C 223 23.72 -0.63 17.42
N ASN C 224 23.95 -0.62 16.12
CA ASN C 224 25.10 0.05 15.53
C ASN C 224 24.95 1.53 15.54
N GLU C 225 23.71 1.98 15.51
CA GLU C 225 23.41 3.41 15.46
C GLU C 225 23.96 4.20 16.72
N LEU C 226 24.02 3.51 17.88
CA LEU C 226 24.61 4.04 19.13
C LEU C 226 26.09 4.36 18.97
N LEU C 227 26.78 3.50 18.23
CA LEU C 227 28.23 3.56 18.03
C LEU C 227 28.80 4.90 17.58
N HIS C 228 28.10 5.62 16.68
CA HIS C 228 28.62 6.87 16.06
C HIS C 228 29.04 7.98 17.08
N GLU C 229 28.31 8.04 18.19
CA GLU C 229 28.57 8.95 19.29
C GLU C 229 29.78 8.46 20.05
N CYS C 230 29.88 7.14 20.19
CA CYS C 230 31.00 6.54 20.88
C CYS C 230 32.36 6.94 20.31
N VAL C 231 32.48 6.89 18.98
CA VAL C 231 33.78 7.05 18.32
C VAL C 231 34.10 8.50 18.05
N GLN C 232 33.06 9.32 17.98
CA GLN C 232 33.24 10.77 17.89
C GLN C 232 33.77 11.34 19.23
N SER C 233 33.80 10.47 20.24
CA SER C 233 34.49 10.72 21.50
C SER C 233 35.94 11.16 21.26
N VAL C 234 36.64 10.30 20.53
CA VAL C 234 38.06 10.47 20.26
C VAL C 234 38.29 11.21 18.93
N SER C 235 39.57 11.34 18.56
CA SER C 235 39.96 11.99 17.30
C SER C 235 40.52 10.98 16.29
N VAL C 236 40.70 11.41 15.05
CA VAL C 236 41.34 10.58 14.01
C VAL C 236 42.81 10.28 14.36
N GLU C 237 43.46 11.27 14.97
CA GLU C 237 44.87 11.16 15.34
C GLU C 237 45.10 10.49 16.71
N ASP C 238 44.13 10.57 17.61
CA ASP C 238 44.24 10.00 18.96
C ASP C 238 44.27 8.45 19.03
N VAL C 239 43.58 7.79 18.08
CA VAL C 239 43.49 6.31 18.03
C VAL C 239 44.54 5.68 17.14
N LEU C 240 45.22 6.53 16.39
CA LEU C 240 46.24 6.10 15.45
C LEU C 240 47.66 6.44 15.89
N ASN C 241 47.84 7.29 16.90
CA ASN C 241 49.19 7.77 17.18
C ASN C 241 50.12 6.83 17.92
N GLU C 242 51.35 6.86 17.42
CA GLU C 242 52.50 6.11 17.89
C GLU C 242 52.34 5.56 19.33
N GLY C 243 52.31 6.46 20.32
CA GLY C 243 52.35 6.04 21.71
C GLY C 243 51.12 6.26 22.56
N THR C 244 50.01 6.62 21.95
CA THR C 244 48.81 6.89 22.72
C THR C 244 47.76 5.83 22.47
N TYR C 245 47.62 5.46 21.19
CA TYR C 245 46.48 4.74 20.67
C TYR C 245 45.68 4.04 21.75
N LEU C 246 46.28 3.04 22.39
CA LEU C 246 45.61 2.07 23.25
C LEU C 246 44.75 2.72 24.34
N LYS C 247 45.29 3.80 24.92
CA LYS C 247 44.59 4.63 25.89
C LYS C 247 43.28 5.14 25.31
N ALA C 248 43.36 5.74 24.12
CA ALA C 248 42.19 6.17 23.38
C ALA C 248 41.24 5.05 22.89
N TRP C 249 41.74 3.81 22.70
CA TRP C 249 40.89 2.68 22.28
C TRP C 249 40.00 2.23 23.44
N GLU C 250 40.55 2.18 24.66
CA GLU C 250 39.79 1.90 25.90
C GLU C 250 38.73 2.98 26.14
N LYS C 251 39.10 4.19 25.77
CA LYS C 251 38.21 5.33 25.79
C LYS C 251 37.00 5.08 24.87
N ILE C 252 37.22 4.47 23.69
CA ILE C 252 36.13 4.04 22.79
C ILE C 252 35.49 2.82 23.37
N ALA C 253 36.28 1.78 23.56
CA ALA C 253 35.82 0.52 24.12
C ALA C 253 34.85 0.77 25.24
N CYS C 254 35.17 1.75 26.07
CA CYS C 254 34.37 2.03 27.21
C CYS C 254 33.12 2.85 26.93
N SER C 255 33.16 3.70 25.90
CA SER C 255 31.99 4.44 25.40
C SER C 255 30.81 3.51 25.10
N VAL C 256 31.05 2.50 24.26
CA VAL C 256 30.01 1.57 23.89
C VAL C 256 29.56 0.94 25.17
N PHE C 257 30.52 0.28 25.84
CA PHE C 257 30.29 -0.55 27.05
C PHE C 257 29.36 0.07 28.10
N ASP C 258 29.40 1.40 28.24
CA ASP C 258 28.45 2.14 29.07
C ASP C 258 27.12 2.18 28.34
N ALA C 259 27.15 2.82 27.17
CA ALA C 259 25.95 3.09 26.40
C ALA C 259 24.90 1.95 26.42
N PHE C 260 25.36 0.70 26.56
CA PHE C 260 24.50 -0.47 26.49
C PHE C 260 24.05 -0.95 27.87
N GLY C 261 24.98 -1.59 28.59
CA GLY C 261 24.64 -2.42 29.73
C GLY C 261 25.92 -2.91 30.34
N MET C 262 26.14 -2.48 31.56
CA MET C 262 27.47 -2.33 32.11
C MET C 262 27.72 -3.10 33.43
N PRO C 263 28.13 -4.36 33.27
CA PRO C 263 28.97 -5.01 34.26
C PRO C 263 30.44 -4.67 33.98
N GLU C 264 31.10 -4.00 34.94
CA GLU C 264 32.53 -3.66 34.85
C GLU C 264 33.41 -4.92 34.67
N GLU C 265 32.84 -6.09 35.02
CA GLU C 265 33.48 -7.42 34.92
C GLU C 265 33.35 -8.08 33.55
N GLU C 266 32.20 -7.94 32.91
CA GLU C 266 32.01 -8.49 31.57
C GLU C 266 32.73 -7.61 30.54
N ARG C 267 33.36 -6.56 31.06
CA ARG C 267 34.33 -5.80 30.29
C ARG C 267 35.77 -6.27 30.48
N ARG C 268 36.03 -7.21 31.39
CA ARG C 268 37.39 -7.65 31.66
C ARG C 268 38.10 -8.27 30.45
N HIS C 269 37.36 -9.08 29.68
CA HIS C 269 37.87 -9.73 28.46
C HIS C 269 38.31 -8.68 27.40
N ALA C 270 37.46 -7.68 27.14
CA ALA C 270 37.77 -6.61 26.17
C ALA C 270 38.95 -5.72 26.58
N TYR C 271 39.02 -5.37 27.85
CA TYR C 271 40.09 -4.52 28.42
C TYR C 271 41.43 -5.26 28.47
N ASP C 272 41.43 -6.48 29.02
CA ASP C 272 42.64 -7.34 29.12
C ASP C 272 43.20 -7.73 27.77
N TRP C 273 42.35 -7.79 26.76
CA TRP C 273 42.78 -8.08 25.40
C TRP C 273 43.35 -6.80 24.79
N LEU C 274 42.78 -5.66 25.20
CA LEU C 274 43.34 -4.36 24.86
C LEU C 274 44.71 -4.21 25.53
N LYS C 275 44.90 -4.76 26.74
CA LYS C 275 46.20 -4.71 27.44
C LYS C 275 47.27 -5.52 26.68
N SER C 276 47.05 -6.83 26.52
CA SER C 276 48.00 -7.69 25.83
C SER C 276 48.23 -7.24 24.39
N ALA C 277 47.29 -6.44 23.87
CA ALA C 277 47.45 -5.72 22.59
C ALA C 277 48.63 -4.73 22.53
N ALA C 278 49.44 -4.70 23.58
CA ALA C 278 50.68 -3.91 23.68
C ALA C 278 51.85 -4.68 23.10
N LEU C 279 51.97 -4.90 21.91
N VAL D 10 13.03 -28.21 -17.50
CA VAL D 10 11.86 -27.53 -18.04
C VAL D 10 11.99 -27.36 -19.58
N PRO D 11 10.88 -27.14 -20.24
CA PRO D 11 10.86 -26.89 -21.68
C PRO D 11 11.74 -25.72 -22.19
N ALA D 12 12.29 -25.90 -23.37
CA ALA D 12 13.05 -24.87 -24.07
C ALA D 12 11.97 -23.93 -24.61
N ARG D 13 10.79 -24.51 -24.77
CA ARG D 13 9.66 -23.75 -25.31
C ARG D 13 8.94 -22.95 -24.21
N VAL D 14 9.10 -23.44 -22.98
CA VAL D 14 8.63 -22.71 -21.80
C VAL D 14 9.63 -21.58 -21.57
N LEU D 15 10.79 -21.89 -20.99
CA LEU D 15 11.92 -20.97 -20.91
C LEU D 15 11.86 -19.88 -21.98
N ASN D 16 11.61 -20.26 -23.23
CA ASN D 16 11.45 -19.33 -24.36
C ASN D 16 10.34 -18.28 -24.08
N SER D 17 9.11 -18.75 -23.85
CA SER D 17 7.96 -17.90 -23.42
C SER D 17 8.23 -17.09 -22.14
N LEU D 18 8.94 -17.67 -21.17
CA LEU D 18 9.35 -16.95 -19.95
C LEU D 18 10.18 -15.70 -20.32
N ALA D 19 11.17 -15.85 -21.20
CA ALA D 19 12.05 -14.72 -21.56
C ALA D 19 11.29 -13.57 -22.21
N HIS D 20 10.20 -13.87 -22.88
CA HIS D 20 9.35 -12.85 -23.42
C HIS D 20 8.60 -12.09 -22.32
N LEU D 21 8.08 -12.80 -21.32
CA LEU D 21 7.42 -12.14 -20.22
C LEU D 21 8.40 -11.24 -19.54
N GLN D 22 9.59 -11.75 -19.32
CA GLN D 22 10.62 -10.99 -18.65
C GLN D 22 10.82 -9.66 -19.35
N ASP D 23 10.84 -9.69 -20.68
CA ASP D 23 11.02 -8.49 -21.52
C ASP D 23 9.94 -7.45 -21.16
N GLY D 24 8.69 -7.90 -21.11
CA GLY D 24 7.58 -7.03 -20.82
C GLY D 24 7.59 -6.48 -19.42
N LEU D 25 7.97 -7.29 -18.44
CA LEU D 25 8.06 -6.77 -17.09
C LEU D 25 9.12 -5.67 -17.03
N ASN D 26 10.25 -5.88 -17.71
CA ASN D 26 11.33 -4.90 -17.72
C ASN D 26 10.83 -3.64 -18.44
N ILE D 27 10.05 -3.79 -19.50
CA ILE D 27 9.50 -2.65 -20.25
C ILE D 27 8.57 -1.88 -19.34
N PHE D 28 7.87 -2.61 -18.48
CA PHE D 28 6.98 -2.02 -17.44
C PHE D 28 7.68 -1.11 -16.43
N MET D 29 8.97 -1.31 -16.26
CA MET D 29 9.78 -0.50 -15.38
C MET D 29 10.40 0.69 -16.10
N ASP D 30 11.06 0.43 -17.22
CA ASP D 30 11.48 1.47 -18.17
C ASP D 30 11.36 0.85 -19.58
N PRO D 31 10.63 1.50 -20.49
CA PRO D 31 10.47 0.95 -21.84
C PRO D 31 11.78 0.86 -22.59
N ASP D 32 12.62 1.85 -22.32
CA ASP D 32 13.94 1.90 -22.93
C ASP D 32 14.91 0.99 -22.20
N TRP D 33 14.43 -0.07 -21.58
CA TRP D 33 15.25 -0.79 -20.66
C TRP D 33 16.57 -1.32 -21.27
N ARG D 34 16.54 -1.79 -22.51
CA ARG D 34 17.75 -2.35 -23.14
C ARG D 34 18.86 -1.35 -23.43
N GLN D 35 18.44 -0.09 -23.57
CA GLN D 35 19.32 1.06 -23.78
C GLN D 35 19.93 1.52 -22.46
N ILE D 36 19.06 2.11 -21.67
CA ILE D 36 19.28 2.54 -20.32
C ILE D 36 20.04 1.52 -19.46
N ARG D 37 19.68 0.23 -19.55
CA ARG D 37 20.25 -0.83 -18.69
C ARG D 37 21.61 -1.28 -19.19
N HIS D 38 22.34 -2.07 -18.41
CA HIS D 38 23.65 -2.64 -18.79
C HIS D 38 23.82 -3.99 -18.17
N VAL D 39 24.86 -4.73 -18.54
CA VAL D 39 24.93 -6.16 -18.22
C VAL D 39 25.47 -6.33 -16.81
N ASP D 40 26.20 -5.30 -16.41
CA ASP D 40 26.72 -5.17 -15.06
C ASP D 40 25.64 -4.87 -14.05
N ASP D 41 24.54 -4.25 -14.47
CA ASP D 41 23.33 -4.11 -13.63
C ASP D 41 22.75 -5.46 -13.24
N TRP D 42 22.57 -6.36 -14.21
CA TRP D 42 22.01 -7.70 -13.97
C TRP D 42 22.93 -8.57 -13.14
N ALA D 43 24.24 -8.36 -13.30
CA ALA D 43 25.28 -9.12 -12.60
C ALA D 43 25.20 -8.80 -11.13
N LEU D 44 25.09 -7.51 -10.84
CA LEU D 44 24.85 -6.98 -9.49
C LEU D 44 23.56 -7.47 -8.87
N ALA D 45 22.47 -7.33 -9.61
CA ALA D 45 21.16 -7.76 -9.16
C ALA D 45 21.26 -9.18 -8.71
N ILE D 46 21.89 -10.05 -9.51
CA ILE D 46 21.93 -11.46 -9.17
C ILE D 46 22.81 -11.60 -7.95
N THR D 47 23.88 -10.82 -7.87
CA THR D 47 24.80 -10.88 -6.74
C THR D 47 24.12 -10.65 -5.42
N MET D 48 23.20 -9.70 -5.40
CA MET D 48 22.51 -9.33 -4.18
C MET D 48 21.35 -10.27 -3.78
N GLU D 49 20.52 -10.71 -4.74
CA GLU D 49 19.41 -11.64 -4.47
C GLU D 49 20.02 -13.01 -4.09
N SER D 50 21.28 -13.23 -4.51
CA SER D 50 21.99 -14.44 -4.13
C SER D 50 22.37 -14.37 -2.68
N ALA D 51 22.86 -13.21 -2.26
CA ALA D 51 23.20 -12.98 -0.86
C ALA D 51 21.96 -12.99 0.04
N GLU D 52 20.88 -12.49 -0.46
CA GLU D 52 19.64 -12.48 0.29
C GLU D 52 19.08 -13.96 0.38
N LEU D 53 19.41 -14.81 -0.58
CA LEU D 53 19.09 -16.25 -0.51
C LEU D 53 20.01 -17.04 0.46
N ILE D 54 21.35 -16.91 0.26
CA ILE D 54 22.35 -17.42 1.21
C ILE D 54 21.94 -17.13 2.65
N ASP D 55 21.32 -15.97 2.90
CA ASP D 55 20.87 -15.54 4.24
C ASP D 55 19.65 -16.32 4.81
N SER D 56 18.96 -17.09 3.96
CA SER D 56 17.78 -17.88 4.39
C SER D 56 18.24 -19.08 5.19
N TYR D 57 19.50 -19.43 5.03
CA TYR D 57 20.08 -20.52 5.77
C TYR D 57 20.86 -20.01 7.00
N PRO D 58 20.97 -20.83 8.03
CA PRO D 58 21.80 -20.48 9.20
C PRO D 58 23.31 -20.60 8.93
N TRP D 59 23.87 -19.69 8.14
CA TRP D 59 25.27 -19.79 7.76
C TRP D 59 26.14 -19.26 8.85
N LYS D 60 25.64 -18.24 9.52
CA LYS D 60 26.35 -17.51 10.57
C LYS D 60 26.63 -18.39 11.82
N TRP D 61 27.92 -18.59 12.10
CA TRP D 61 28.37 -19.45 13.19
C TRP D 61 28.28 -18.75 14.55
N TRP D 62 28.15 -17.43 14.53
CA TRP D 62 28.14 -16.64 15.74
C TRP D 62 26.79 -16.09 16.15
N LYS D 63 25.73 -16.41 15.42
CA LYS D 63 24.50 -15.62 15.51
C LYS D 63 23.20 -16.42 15.71
N ASN D 64 23.09 -17.63 15.21
CA ASN D 64 21.93 -18.44 15.60
C ASN D 64 22.28 -19.89 15.88
N VAL D 65 21.65 -20.43 16.95
CA VAL D 65 21.85 -21.83 17.37
C VAL D 65 21.73 -22.63 16.06
N LYS D 66 20.61 -23.25 15.86
CA LYS D 66 20.30 -23.79 14.58
C LYS D 66 19.18 -22.91 14.18
N ALA D 67 19.11 -22.42 12.98
CA ALA D 67 17.89 -21.70 12.74
C ALA D 67 16.97 -22.75 12.11
N GLN D 68 15.74 -22.35 11.88
CA GLN D 68 14.95 -23.06 10.92
C GLN D 68 15.28 -22.40 9.61
N THR D 69 16.10 -23.05 8.77
CA THR D 69 16.34 -22.56 7.40
C THR D 69 14.98 -22.39 6.68
N ASP D 70 14.70 -21.20 6.14
CA ASP D 70 13.36 -20.88 5.61
C ASP D 70 13.23 -21.33 4.14
N MET D 71 12.88 -22.62 3.95
CA MET D 71 12.93 -23.21 2.61
C MET D 71 11.94 -22.50 1.75
N HIS D 72 10.78 -22.22 2.32
CA HIS D 72 9.72 -21.45 1.62
C HIS D 72 10.30 -20.19 1.02
N ASN D 73 10.96 -19.39 1.83
CA ASN D 73 11.55 -18.17 1.29
C ASN D 73 12.58 -18.43 0.18
N VAL D 74 13.16 -19.62 0.12
CA VAL D 74 14.25 -19.86 -0.82
C VAL D 74 13.69 -19.93 -2.23
N ARG D 75 12.57 -20.59 -2.35
CA ARG D 75 11.84 -20.64 -3.60
C ARG D 75 11.68 -19.28 -4.28
N ILE D 76 11.36 -18.29 -3.49
CA ILE D 76 10.99 -17.00 -3.99
C ILE D 76 12.22 -16.27 -4.42
N GLU D 77 13.29 -16.34 -3.62
CA GLU D 77 14.49 -15.66 -4.05
C GLU D 77 15.10 -16.46 -5.23
N ILE D 78 14.76 -17.73 -5.44
CA ILE D 78 15.26 -18.44 -6.62
C ILE D 78 14.54 -17.85 -7.81
N ALA D 79 13.21 -17.73 -7.71
CA ALA D 79 12.37 -17.10 -8.74
C ALA D 79 12.80 -15.68 -9.06
N ASP D 80 13.34 -14.98 -8.08
CA ASP D 80 13.88 -13.65 -8.30
C ASP D 80 15.20 -13.66 -9.07
N ILE D 81 16.06 -14.60 -8.76
CA ILE D 81 17.30 -14.70 -9.50
C ILE D 81 16.97 -14.94 -10.97
N LEU D 82 15.98 -15.81 -11.18
CA LEU D 82 15.63 -16.24 -12.52
C LEU D 82 15.21 -15.02 -13.36
N HIS D 83 14.37 -14.18 -12.77
CA HIS D 83 13.95 -12.92 -13.36
C HIS D 83 15.19 -12.17 -13.84
N PHE D 84 16.25 -12.12 -13.05
CA PHE D 84 17.48 -11.39 -13.41
C PHE D 84 18.35 -12.07 -14.48
N SER D 85 18.43 -13.39 -14.49
CA SER D 85 19.20 -14.09 -15.51
C SER D 85 18.50 -14.11 -16.87
N LEU D 86 17.17 -14.23 -16.89
CA LEU D 86 16.46 -14.16 -18.14
C LEU D 86 16.76 -12.79 -18.67
N SER D 87 16.76 -11.81 -17.77
CA SER D 87 17.09 -10.43 -18.12
C SER D 87 18.52 -10.26 -18.68
N GLY D 88 19.49 -10.88 -18.03
CA GLY D 88 20.87 -10.77 -18.45
C GLY D 88 21.09 -11.31 -19.83
N GLU D 89 20.44 -12.43 -20.16
CA GLU D 89 20.54 -13.04 -21.50
C GLU D 89 20.08 -12.02 -22.55
N ILE D 90 18.77 -11.73 -22.58
CA ILE D 90 18.20 -10.71 -23.46
C ILE D 90 19.09 -9.51 -23.66
N GLN D 91 19.70 -9.06 -22.58
CA GLN D 91 20.45 -7.82 -22.61
C GLN D 91 21.71 -8.00 -23.42
N LYS D 92 22.30 -9.18 -23.35
CA LYS D 92 23.46 -9.52 -24.16
C LYS D 92 23.29 -9.32 -25.70
N ARG D 93 22.22 -8.63 -26.18
CA ARG D 93 22.00 -8.29 -27.62
C ARG D 93 21.74 -6.78 -27.80
N ASP D 102 33.24 -21.74 -23.01
CA ASP D 102 33.86 -22.45 -21.90
C ASP D 102 35.40 -22.22 -21.82
N VAL D 103 36.02 -21.58 -22.83
CA VAL D 103 37.48 -21.34 -22.75
C VAL D 103 37.83 -20.40 -21.58
N ALA D 104 37.26 -19.21 -21.57
CA ALA D 104 37.31 -18.34 -20.40
C ALA D 104 37.07 -19.14 -19.10
N LEU D 105 35.93 -19.84 -19.06
CA LEU D 105 35.46 -20.60 -17.87
C LEU D 105 36.37 -21.73 -17.37
N LYS D 106 36.62 -22.76 -18.18
CA LYS D 106 37.48 -23.90 -17.77
C LYS D 106 38.80 -23.44 -17.23
N SER D 107 39.32 -22.34 -17.77
CA SER D 107 40.57 -21.78 -17.29
C SER D 107 40.41 -21.05 -15.95
N LEU D 108 39.21 -20.56 -15.66
CA LEU D 108 38.88 -20.08 -14.33
C LEU D 108 38.83 -21.19 -13.27
N LYS D 109 38.04 -22.23 -13.54
CA LYS D 109 38.07 -23.48 -12.76
C LYS D 109 39.50 -23.77 -12.28
N GLU D 110 40.46 -23.95 -13.19
CA GLU D 110 41.86 -24.20 -12.79
C GLU D 110 42.36 -23.16 -11.79
N MET D 111 42.13 -21.89 -12.17
CA MET D 111 42.54 -20.73 -11.39
C MET D 111 42.22 -20.84 -9.91
N GLY D 112 41.10 -21.50 -9.59
CA GLY D 112 40.56 -21.60 -8.24
C GLY D 112 39.48 -20.59 -8.02
N PHE D 113 38.80 -20.27 -9.13
CA PHE D 113 37.79 -19.23 -9.25
C PHE D 113 36.63 -19.48 -8.30
N PHE D 114 35.98 -20.61 -8.50
CA PHE D 114 34.81 -21.02 -7.76
C PHE D 114 35.20 -21.73 -6.45
N CYS D 115 34.18 -22.25 -5.77
CA CYS D 115 34.33 -22.98 -4.52
C CYS D 115 33.49 -24.27 -4.44
N ARG D 116 33.74 -25.02 -3.38
CA ARG D 116 33.13 -26.33 -3.13
C ARG D 116 32.88 -26.59 -1.61
N PRO D 117 31.95 -27.47 -1.27
CA PRO D 117 31.79 -27.90 0.13
C PRO D 117 33.06 -28.63 0.71
N PRO D 118 33.46 -28.29 1.94
CA PRO D 118 34.73 -28.76 2.55
C PRO D 118 35.14 -30.25 2.41
N ASP D 140 26.90 -29.67 -17.47
CA ASP D 140 28.17 -30.38 -17.69
C ASP D 140 29.34 -29.55 -17.18
N GLU D 141 29.72 -28.52 -17.93
CA GLU D 141 30.61 -27.44 -17.45
C GLU D 141 30.00 -26.74 -16.20
N LEU D 142 28.67 -26.83 -16.09
CA LEU D 142 27.90 -26.26 -14.97
C LEU D 142 27.76 -27.23 -13.79
N LEU D 143 27.67 -28.53 -14.08
CA LEU D 143 27.52 -29.57 -13.05
C LEU D 143 28.71 -29.60 -12.06
N GLU D 144 29.88 -29.15 -12.49
CA GLU D 144 31.05 -29.05 -11.62
C GLU D 144 30.93 -27.98 -10.49
N LEU D 145 29.93 -27.10 -10.59
CA LEU D 145 29.74 -25.92 -9.70
C LEU D 145 28.49 -25.96 -8.78
N MET D 146 27.61 -26.92 -9.04
CA MET D 146 26.42 -27.11 -8.23
C MET D 146 26.79 -28.06 -7.13
N PHE D 147 26.00 -28.04 -6.07
CA PHE D 147 26.26 -28.94 -4.97
C PHE D 147 25.00 -29.25 -4.19
N PHE D 148 24.64 -30.52 -4.14
CA PHE D 148 23.34 -30.95 -3.63
C PHE D 148 23.46 -32.01 -2.51
N PRO D 149 22.42 -32.22 -1.70
CA PRO D 149 21.15 -31.49 -1.76
C PRO D 149 21.25 -30.02 -1.37
N LEU D 150 20.36 -29.19 -1.94
CA LEU D 150 20.27 -27.76 -1.56
C LEU D 150 19.67 -27.59 -0.15
N THR D 151 19.21 -28.69 0.40
CA THR D 151 18.75 -28.77 1.79
C THR D 151 19.81 -28.46 2.84
N GLU D 152 21.04 -28.94 2.69
CA GLU D 152 22.06 -28.77 3.75
C GLU D 152 22.84 -27.44 3.59
N VAL D 153 22.69 -26.57 4.57
CA VAL D 153 23.40 -25.29 4.60
C VAL D 153 24.64 -25.26 3.71
N ALA D 154 25.63 -26.12 3.99
CA ALA D 154 26.95 -25.96 3.38
C ALA D 154 26.93 -26.07 1.85
N SER D 155 26.08 -26.95 1.31
CA SER D 155 25.92 -27.16 -0.15
C SER D 155 25.27 -25.97 -0.82
N ALA D 156 24.17 -25.51 -0.25
CA ALA D 156 23.48 -24.30 -0.75
C ALA D 156 24.42 -23.14 -0.77
N VAL D 157 25.18 -23.00 0.31
CA VAL D 157 26.10 -21.90 0.44
C VAL D 157 27.09 -21.94 -0.69
N ALA D 158 27.62 -23.11 -1.00
CA ALA D 158 28.67 -23.18 -2.01
C ALA D 158 28.04 -22.91 -3.36
N THR D 159 26.88 -23.53 -3.61
CA THR D 159 26.15 -23.37 -4.88
C THR D 159 26.03 -21.89 -5.27
N PHE D 160 25.30 -21.09 -4.50
CA PHE D 160 25.05 -19.70 -4.90
C PHE D 160 26.24 -18.77 -4.71
N ARG D 161 27.18 -19.16 -3.88
CA ARG D 161 28.49 -18.52 -3.88
C ARG D 161 29.09 -18.55 -5.30
N ASN D 162 28.84 -19.64 -6.00
CA ASN D 162 29.25 -19.80 -7.38
C ASN D 162 28.30 -19.10 -8.34
N ILE D 163 26.99 -19.28 -8.17
CA ILE D 163 25.99 -18.61 -9.00
C ILE D 163 26.44 -17.18 -9.13
N ILE D 164 26.77 -16.59 -7.98
CA ILE D 164 27.28 -15.21 -7.92
C ILE D 164 28.51 -15.04 -8.76
N GLN D 165 29.43 -15.98 -8.58
CA GLN D 165 30.67 -16.04 -9.33
C GLN D 165 30.38 -16.15 -10.82
N LEU D 166 29.45 -17.02 -11.20
CA LEU D 166 29.07 -17.14 -12.61
C LEU D 166 28.64 -15.78 -13.17
N ALA D 167 27.86 -15.06 -12.37
CA ALA D 167 27.27 -13.79 -12.80
C ALA D 167 28.30 -12.73 -13.17
N SER D 168 29.44 -12.78 -12.48
CA SER D 168 30.61 -11.92 -12.68
C SER D 168 31.23 -12.05 -14.12
N ILE D 169 31.41 -13.31 -14.52
CA ILE D 169 31.82 -13.68 -15.87
C ILE D 169 30.63 -13.76 -16.85
N TYR D 170 29.53 -13.08 -16.50
CA TYR D 170 28.37 -12.89 -17.36
C TYR D 170 27.70 -14.15 -17.91
N ARG D 171 27.81 -15.26 -17.20
CA ARG D 171 27.29 -16.53 -17.72
C ARG D 171 25.88 -16.75 -17.24
N PHE D 172 25.02 -15.83 -17.66
CA PHE D 172 23.64 -15.86 -17.21
C PHE D 172 22.94 -17.15 -17.63
N ASP D 173 23.29 -17.60 -18.84
CA ASP D 173 22.80 -18.85 -19.38
C ASP D 173 22.99 -19.97 -18.37
N LEU D 174 24.20 -20.14 -17.89
CA LEU D 174 24.48 -21.21 -16.95
C LEU D 174 23.62 -21.08 -15.70
N ILE D 175 23.54 -19.85 -15.16
CA ILE D 175 22.73 -19.54 -13.97
C ILE D 175 21.28 -20.04 -14.02
N THR D 176 20.62 -19.71 -15.12
CA THR D 176 19.24 -20.14 -15.41
C THR D 176 19.09 -21.68 -15.47
N LYS D 177 20.12 -22.39 -15.95
CA LYS D 177 20.12 -23.85 -16.01
C LYS D 177 20.36 -24.37 -14.59
N GLY D 178 21.02 -23.56 -13.78
CA GLY D 178 21.30 -23.90 -12.40
C GLY D 178 20.12 -23.70 -11.48
N LEU D 179 19.31 -22.70 -11.77
CA LEU D 179 18.14 -22.43 -10.95
C LEU D 179 17.15 -23.49 -11.27
N LEU D 180 17.09 -23.84 -12.54
CA LEU D 180 16.26 -24.95 -12.99
C LEU D 180 16.71 -26.26 -12.35
N LEU D 181 18.01 -26.41 -12.24
CA LEU D 181 18.52 -27.58 -11.56
C LEU D 181 18.05 -27.46 -10.12
N ALA D 182 18.53 -26.41 -9.45
CA ALA D 182 18.25 -26.17 -8.04
C ALA D 182 16.79 -26.42 -7.66
N ALA D 183 15.88 -26.01 -8.52
CA ALA D 183 14.45 -26.18 -8.30
C ALA D 183 13.94 -27.60 -8.44
N GLN D 184 14.51 -28.39 -9.37
CA GLN D 184 14.14 -29.78 -9.47
C GLN D 184 14.68 -30.54 -8.28
N ASP D 185 15.78 -30.07 -7.69
CA ASP D 185 16.40 -30.77 -6.56
C ASP D 185 15.61 -30.65 -5.25
N LEU D 186 15.11 -29.44 -4.99
CA LEU D 186 14.29 -29.11 -3.83
C LEU D 186 12.81 -29.39 -4.07
N ASP D 187 12.47 -29.73 -5.30
CA ASP D 187 11.10 -30.07 -5.70
C ASP D 187 10.10 -28.95 -5.37
N PHE D 188 10.21 -27.82 -6.07
CA PHE D 188 9.15 -26.78 -6.02
C PHE D 188 8.82 -26.32 -7.41
N ASN D 189 7.71 -25.64 -7.62
CA ASN D 189 7.26 -25.32 -8.96
C ASN D 189 7.85 -23.98 -9.42
N LEU D 190 9.09 -23.95 -9.88
CA LEU D 190 9.75 -22.65 -10.23
C LEU D 190 9.06 -21.82 -11.30
N VAL D 191 8.83 -22.39 -12.47
CA VAL D 191 8.13 -21.70 -13.54
C VAL D 191 6.87 -20.98 -13.00
N GLY D 192 6.16 -21.61 -12.07
CA GLY D 192 4.97 -21.02 -11.52
C GLY D 192 5.22 -19.91 -10.51
N TYR D 193 6.33 -20.03 -9.77
CA TYR D 193 6.75 -19.02 -8.80
C TYR D 193 7.24 -17.85 -9.55
N TYR D 194 7.83 -18.11 -10.70
CA TYR D 194 8.23 -17.05 -11.56
C TYR D 194 6.96 -16.28 -11.93
N VAL D 195 5.96 -16.95 -12.48
CA VAL D 195 4.80 -16.23 -12.97
C VAL D 195 4.17 -15.41 -11.85
N ALA D 196 4.09 -15.99 -10.64
CA ALA D 196 3.46 -15.33 -9.46
C ALA D 196 4.21 -14.06 -9.04
N LYS D 197 5.49 -14.21 -8.89
CA LYS D 197 6.34 -13.08 -8.60
C LYS D 197 6.39 -12.04 -9.75
N TYR D 198 6.29 -12.51 -10.99
CA TYR D 198 6.24 -11.65 -12.19
C TYR D 198 5.06 -10.73 -12.05
N THR D 199 3.94 -11.28 -11.65
CA THR D 199 2.76 -10.48 -11.60
C THR D 199 2.79 -9.56 -10.37
N LEU D 200 3.44 -9.99 -9.29
CA LEU D 200 3.64 -9.14 -8.11
C LEU D 200 4.60 -7.96 -8.41
N ASN D 201 5.70 -8.25 -9.05
CA ASN D 201 6.57 -7.20 -9.48
C ASN D 201 5.81 -6.05 -10.20
N GLN D 202 4.81 -6.40 -10.99
CA GLN D 202 3.91 -5.40 -11.61
C GLN D 202 3.08 -4.64 -10.59
N ILE D 203 2.33 -5.37 -9.79
CA ILE D 203 1.51 -4.80 -8.76
C ILE D 203 2.33 -3.73 -8.06
N ARG D 204 3.49 -4.13 -7.61
CA ARG D 204 4.34 -3.24 -6.85
C ARG D 204 4.52 -1.86 -7.56
N GLN D 205 4.81 -1.89 -8.84
CA GLN D 205 5.02 -0.68 -9.61
C GLN D 205 3.71 0.11 -9.76
N LEU D 206 2.57 -0.57 -9.70
CA LEU D 206 1.29 0.11 -9.83
C LEU D 206 0.88 0.77 -8.52
N LYS D 207 1.67 0.49 -7.49
CA LYS D 207 1.33 0.82 -6.11
C LYS D 207 2.50 1.56 -5.40
N GLY D 208 3.17 2.42 -6.14
CA GLY D 208 4.22 3.27 -5.60
C GLY D 208 5.51 2.65 -5.11
N TYR D 209 5.81 1.44 -5.52
CA TYR D 209 7.09 0.86 -5.17
C TYR D 209 8.23 1.74 -5.67
N LYS D 210 8.15 2.38 -6.80
CA LYS D 210 9.35 3.08 -7.27
C LYS D 210 9.49 4.33 -6.50
N GLU D 211 8.37 4.94 -6.20
CA GLU D 211 8.34 6.21 -5.49
C GLU D 211 8.54 6.00 -3.98
N GLY D 212 8.61 4.76 -3.54
CA GLY D 212 8.87 4.49 -2.14
C GLY D 212 7.70 4.52 -1.18
N VAL D 213 6.47 4.50 -1.65
CA VAL D 213 5.32 4.48 -0.72
C VAL D 213 4.52 3.15 -0.65
N TYR D 214 5.13 2.04 -1.02
CA TYR D 214 4.36 0.80 -1.16
C TYR D 214 4.25 0.07 0.20
N VAL D 215 3.09 -0.53 0.46
CA VAL D 215 2.83 -1.36 1.66
C VAL D 215 3.39 -2.76 1.43
N LYS D 216 4.61 -3.03 1.87
CA LYS D 216 5.18 -4.34 1.64
C LYS D 216 4.79 -5.30 2.78
N VAL D 217 4.84 -4.80 4.00
CA VAL D 217 4.59 -5.65 5.14
C VAL D 217 3.33 -5.22 5.78
N ARG D 218 2.54 -6.19 6.20
CA ARG D 218 1.31 -5.89 6.85
C ARG D 218 0.83 -7.10 7.57
N GLU D 219 0.49 -6.93 8.84
CA GLU D 219 0.17 -8.05 9.69
C GLU D 219 1.46 -8.79 10.01
N GLY D 220 2.59 -8.14 9.89
CA GLY D 220 3.83 -8.87 10.01
C GLY D 220 4.18 -9.81 8.87
N VAL D 221 3.28 -10.05 7.94
CA VAL D 221 3.63 -10.81 6.75
C VAL D 221 3.97 -9.92 5.53
N GLU D 222 5.09 -10.21 4.95
CA GLU D 222 5.51 -9.58 3.75
C GLU D 222 4.74 -10.03 2.49
N ASP D 223 4.77 -9.17 1.51
CA ASP D 223 4.43 -9.41 0.10
C ASP D 223 4.44 -10.80 -0.43
N ASN D 224 5.69 -11.26 -0.52
CA ASN D 224 6.11 -12.43 -1.25
C ASN D 224 5.47 -13.63 -0.70
N GLU D 225 5.32 -13.62 0.60
CA GLU D 225 4.83 -14.73 1.37
C GLU D 225 3.41 -15.07 0.97
N LEU D 226 2.72 -14.12 0.39
CA LEU D 226 1.37 -14.35 -0.11
C LEU D 226 1.33 -15.16 -1.38
N LEU D 227 2.47 -15.35 -2.02
CA LEU D 227 2.54 -16.00 -3.31
C LEU D 227 2.39 -17.49 -3.18
N HIS D 228 2.80 -18.07 -2.05
CA HIS D 228 2.82 -19.52 -1.98
C HIS D 228 1.45 -20.14 -2.27
N GLU D 229 0.35 -19.54 -1.81
CA GLU D 229 -0.96 -20.16 -1.99
C GLU D 229 -1.30 -20.11 -3.43
N CYS D 230 -1.05 -18.94 -4.01
CA CYS D 230 -1.21 -18.67 -5.44
C CYS D 230 -0.57 -19.73 -6.36
N VAL D 231 0.72 -20.05 -6.19
CA VAL D 231 1.33 -21.02 -7.08
C VAL D 231 0.78 -22.36 -6.86
N GLN D 232 0.42 -22.65 -5.62
CA GLN D 232 0.08 -24.03 -5.18
C GLN D 232 -1.37 -24.36 -5.56
N SER D 233 -2.03 -23.38 -6.17
CA SER D 233 -3.33 -23.55 -6.83
C SER D 233 -3.23 -24.56 -8.04
N VAL D 234 -2.16 -24.44 -8.83
CA VAL D 234 -1.91 -25.27 -10.00
C VAL D 234 -0.82 -26.28 -9.75
N SER D 235 -0.80 -27.31 -10.59
CA SER D 235 0.25 -28.32 -10.58
C SER D 235 1.52 -27.84 -11.26
N VAL D 236 2.56 -28.67 -11.32
CA VAL D 236 3.80 -28.33 -12.03
C VAL D 236 3.59 -28.70 -13.49
N GLU D 237 2.78 -29.71 -13.71
CA GLU D 237 2.58 -30.23 -15.04
C GLU D 237 1.63 -29.36 -15.83
N ASP D 238 0.75 -28.61 -15.19
CA ASP D 238 -0.15 -27.72 -15.91
C ASP D 238 0.62 -26.56 -16.50
N VAL D 239 1.54 -26.02 -15.71
CA VAL D 239 2.31 -24.86 -16.13
C VAL D 239 3.42 -25.15 -17.10
N LEU D 240 3.73 -26.42 -17.30
CA LEU D 240 4.76 -26.84 -18.24
C LEU D 240 4.15 -27.44 -19.49
N ASN D 241 3.03 -28.11 -19.26
CA ASN D 241 2.30 -28.87 -20.27
C ASN D 241 2.08 -27.96 -21.41
N GLU D 242 3.04 -27.91 -22.31
CA GLU D 242 2.84 -27.15 -23.53
C GLU D 242 1.56 -27.69 -24.19
N GLY D 243 0.47 -26.94 -24.07
CA GLY D 243 -0.84 -27.48 -24.28
C GLY D 243 -1.86 -26.81 -23.38
N THR D 244 -1.42 -26.54 -22.16
CA THR D 244 -2.21 -25.84 -21.15
C THR D 244 -1.44 -24.75 -20.38
N TYR D 245 -0.16 -24.54 -20.66
CA TYR D 245 0.63 -23.64 -19.83
C TYR D 245 0.02 -22.27 -19.66
N LEU D 246 -0.54 -21.72 -20.73
CA LEU D 246 -1.05 -20.33 -20.68
C LEU D 246 -2.25 -20.18 -19.75
N LYS D 247 -3.21 -21.05 -19.87
CA LYS D 247 -4.33 -21.01 -18.96
C LYS D 247 -3.81 -21.07 -17.51
N ALA D 248 -2.77 -21.87 -17.24
CA ALA D 248 -2.23 -21.93 -15.89
C ALA D 248 -1.51 -20.63 -15.48
N TRP D 249 -0.64 -20.10 -16.32
CA TRP D 249 0.06 -18.85 -16.02
C TRP D 249 -0.92 -17.68 -15.84
N GLU D 250 -2.10 -17.85 -16.44
CA GLU D 250 -3.23 -16.94 -16.23
C GLU D 250 -3.91 -17.20 -14.88
N LYS D 251 -4.12 -18.48 -14.53
CA LYS D 251 -4.63 -18.88 -13.20
C LYS D 251 -3.84 -18.21 -12.10
N ILE D 252 -2.53 -18.18 -12.26
CA ILE D 252 -1.65 -17.84 -11.20
C ILE D 252 -1.61 -16.36 -11.17
N ALA D 253 -1.44 -15.74 -12.34
CA ALA D 253 -1.34 -14.25 -12.44
C ALA D 253 -2.51 -13.64 -11.75
N CYS D 254 -3.61 -14.31 -11.90
CA CYS D 254 -4.85 -13.85 -11.36
C CYS D 254 -5.03 -14.10 -9.82
N SER D 255 -4.51 -15.23 -9.32
CA SER D 255 -4.57 -15.56 -7.90
C SER D 255 -3.80 -14.48 -7.10
N VAL D 256 -2.71 -13.99 -7.68
CA VAL D 256 -1.91 -12.92 -7.08
C VAL D 256 -2.64 -11.54 -7.13
N PHE D 257 -3.09 -11.11 -8.31
CA PHE D 257 -3.90 -9.93 -8.47
C PHE D 257 -5.08 -9.98 -7.52
N ASP D 258 -5.71 -11.14 -7.37
CA ASP D 258 -6.87 -11.28 -6.47
C ASP D 258 -6.42 -10.99 -5.03
N ALA D 259 -5.23 -11.46 -4.66
CA ALA D 259 -4.73 -11.30 -3.28
C ALA D 259 -4.62 -9.83 -2.97
N PHE D 260 -3.92 -9.09 -3.81
CA PHE D 260 -3.69 -7.69 -3.57
C PHE D 260 -4.83 -6.80 -3.99
N GLY D 261 -6.02 -7.32 -4.29
CA GLY D 261 -7.18 -6.48 -4.56
C GLY D 261 -7.35 -5.95 -5.98
N MET D 262 -6.29 -5.91 -6.76
CA MET D 262 -6.23 -5.19 -8.05
C MET D 262 -7.52 -5.24 -8.89
N PRO D 263 -7.92 -4.10 -9.46
CA PRO D 263 -9.09 -4.05 -10.33
C PRO D 263 -8.71 -4.45 -11.72
N GLU D 264 -9.70 -4.70 -12.59
CA GLU D 264 -9.41 -5.26 -13.90
C GLU D 264 -8.55 -4.30 -14.76
N GLU D 265 -8.87 -3.02 -14.71
CA GLU D 265 -8.09 -2.00 -15.43
C GLU D 265 -6.56 -2.19 -15.31
N GLU D 266 -6.10 -2.80 -14.22
CA GLU D 266 -4.69 -2.87 -13.83
C GLU D 266 -4.02 -4.24 -14.05
N ARG D 267 -4.77 -5.18 -14.56
CA ARG D 267 -4.22 -6.49 -14.84
C ARG D 267 -3.71 -6.50 -16.28
N ARG D 268 -4.05 -5.45 -17.04
CA ARG D 268 -3.87 -5.47 -18.50
C ARG D 268 -2.46 -5.88 -18.85
N HIS D 269 -1.43 -5.47 -18.08
CA HIS D 269 -0.09 -5.81 -18.53
C HIS D 269 0.03 -7.30 -18.66
N ALA D 270 -0.28 -8.01 -17.58
CA ALA D 270 -0.01 -9.44 -17.53
C ALA D 270 -1.01 -10.17 -18.39
N TYR D 271 -2.24 -9.70 -18.47
CA TYR D 271 -3.21 -10.47 -19.21
C TYR D 271 -2.89 -10.34 -20.70
N ASP D 272 -2.55 -9.15 -21.13
CA ASP D 272 -2.34 -8.85 -22.55
C ASP D 272 -1.12 -9.49 -23.12
N TRP D 273 -0.04 -9.52 -22.33
CA TRP D 273 1.19 -10.23 -22.68
C TRP D 273 0.98 -11.72 -22.63
N LEU D 274 0.13 -12.18 -21.71
CA LEU D 274 -0.22 -13.62 -21.73
C LEU D 274 -1.07 -14.05 -23.01
N LYS D 275 -1.63 -13.17 -23.87
CA LYS D 275 -2.60 -13.63 -24.95
C LYS D 275 -2.23 -13.32 -26.37
N SER D 276 -1.01 -12.88 -26.51
CA SER D 276 -0.45 -12.38 -27.74
C SER D 276 0.43 -13.30 -28.53
N ALA D 277 1.58 -12.69 -28.77
CA ALA D 277 2.70 -13.19 -29.51
C ALA D 277 3.64 -13.94 -28.64
N ALA D 278 3.16 -14.40 -27.51
CA ALA D 278 4.01 -15.17 -26.67
C ALA D 278 4.00 -16.61 -27.15
N LEU D 279 3.16 -16.90 -28.12
CA LEU D 279 3.01 -18.25 -28.66
C LEU D 279 4.18 -18.66 -29.55
N ASP D 280 4.05 -18.82 -30.76
N1 DUD E . -9.87 12.46 7.28
C2 DUD E . -9.44 13.38 8.17
N3 DUD E . -9.15 14.64 7.86
C4 DUD E . -9.28 15.06 6.61
C5 DUD E . -9.72 14.14 5.65
C6 DUD E . -9.99 12.83 6.01
O2 DUD E . -9.32 13.09 9.36
O4 DUD E . -9.01 16.24 6.34
C1' DUD E . -10.13 11.10 7.75
C2' DUD E . -11.42 10.93 8.48
C3' DUD E . -11.78 9.49 8.29
C4' DUD E . -11.13 9.10 7.00
O4' DUD E . -10.28 10.16 6.73
O3' DUD E . -11.25 8.73 9.34
C5' DUD E . -12.06 8.96 5.82
O5' DUD E . -11.31 8.61 4.67
PA DUD E . -11.76 7.62 3.66
O1A DUD E . -13.20 7.94 3.37
O2A DUD E . -10.84 7.83 2.51
O3A DUD E . -11.59 6.18 4.19
PB DUD E . -12.53 4.97 4.45
O1B DUD E . -12.82 4.21 3.20
O2B DUD E . -13.89 5.28 5.03
O3B DUD E . -11.88 3.98 5.35
N1 DUD F . 32.31 -11.33 13.81
C2 DUD F . 33.61 -11.52 14.17
N3 DUD F . 34.14 -12.76 14.22
C4 DUD F . 33.38 -13.87 13.92
C5 DUD F . 32.04 -13.71 13.55
C6 DUD F . 31.51 -12.39 13.50
O2 DUD F . 34.33 -10.56 14.46
O4 DUD F . 33.89 -15.02 13.97
C1' DUD F . 31.83 -9.94 13.76
C2' DUD F . 32.35 -9.17 12.55
C3' DUD F . 31.33 -8.06 12.29
C4' DUD F . 30.05 -8.67 12.86
O4' DUD F . 30.42 -9.84 13.62
O3' DUD F . 31.73 -6.85 12.94
C5' DUD F . 29.05 -9.11 11.80
O5' DUD F . 27.94 -9.69 12.52
PA DUD F . 26.50 -9.48 12.09
O1A DUD F . 26.43 -9.60 10.53
O2A DUD F . 25.69 -10.54 12.85
O3A DUD F . 26.06 -8.05 12.56
PB DUD F . 25.60 -6.85 11.70
O1B DUD F . 24.11 -7.08 11.47
O2B DUD F . 26.37 -6.63 10.37
O3B DUD F . 25.72 -5.62 12.59
N1 DUD G . 12.89 -6.81 -11.34
C2 DUD G . 12.76 -7.05 -12.66
N3 DUD G . 13.26 -6.23 -13.59
C4 DUD G . 13.89 -5.13 -13.22
C5 DUD G . 14.03 -4.83 -11.88
C6 DUD G . 13.51 -5.71 -10.92
O2 DUD G . 12.18 -8.06 -13.05
O4 DUD G . 14.34 -4.39 -14.08
C1' DUD G . 12.30 -7.78 -10.43
C2' DUD G . 13.06 -9.06 -10.29
C3' DUD G . 12.69 -9.58 -8.91
C4' DUD G . 12.36 -8.36 -8.11
O4' DUD G . 12.33 -7.34 -9.10
O3' DUD G . 11.52 -10.35 -8.95
C5' DUD G . 13.40 -7.94 -7.10
O5' DUD G . 12.94 -6.76 -6.45
PA DUD G . 13.12 -6.50 -5.01
O1A DUD G . 14.55 -6.82 -4.69
O2A DUD G . 12.77 -5.07 -4.86
O3A DUD G . 12.09 -7.24 -4.17
PB DUD G . 12.26 -8.32 -3.08
O1B DUD G . 12.40 -7.63 -1.76
O2B DUD G . 13.39 -9.35 -3.34
O3B DUD G . 10.93 -9.01 -2.96
#